data_5MII
#
_entry.id   5MII
#
_cell.length_a   157.931
_cell.length_b   157.931
_cell.length_c   231.410
_cell.angle_alpha   90.00
_cell.angle_beta   90.00
_cell.angle_gamma   120.00
#
_symmetry.space_group_name_H-M   'P 65 2 2'
#
loop_
_entity.id
_entity.type
_entity.pdbx_description
1 polymer 'Carboxyl esterase 2'
2 water water
#
_entity_poly.entity_id   1
_entity_poly.type   'polypeptide(L)'
_entity_poly.pdbx_seq_one_letter_code
;MRFTILSVLAFSLPLVLAETPAPSCPVTNVTTPQLDPITQAYADAISSRPSLFAFPLPEIRDGYQSNVSDPSTEFTTKIL
SLPVGPTGNVTAYLYKPVSGEREKGKDLLPVIAYFHGGGWVFGGPKSYRGLITNLIRESGAAVFFVDYTLTPKVAYPVPN
EQCYAAVQWLLEHGEKLGVDPTNMGFGGD(SEB)AGGELSSSVSLLSIKRKTPLPKFQVLIYPATDLACESATFKEFPNG
PGLTTDEIRFAASLFTPDPKSRLEDVASPGRASDEDLAKFPETLIVVAEVDPIRQQGEDFGRRLQKLGVRAAIIRVLGTI
HGFASIDVLSEAPGAKATIELIGYKFKKALH
;
_entity_poly.pdbx_strand_id   A,B,C,D
#
# COMPACT_ATOMS: atom_id res chain seq x y z
N GLN A 34 38.77 -4.42 -14.86
CA GLN A 34 38.65 -4.79 -13.44
C GLN A 34 37.30 -4.39 -12.86
N LEU A 35 36.90 -3.13 -13.01
CA LEU A 35 35.60 -2.69 -12.53
C LEU A 35 34.67 -2.42 -13.69
N ASP A 36 33.38 -2.70 -13.54
CA ASP A 36 32.46 -2.39 -14.63
C ASP A 36 32.25 -0.87 -14.70
N PRO A 37 31.84 -0.34 -15.88
CA PRO A 37 31.76 1.11 -16.08
C PRO A 37 30.98 1.84 -14.99
N ILE A 38 29.73 1.44 -14.77
CA ILE A 38 28.87 2.08 -13.78
C ILE A 38 29.54 2.12 -12.42
N THR A 39 30.27 1.07 -12.09
CA THR A 39 30.92 0.98 -10.80
C THR A 39 32.19 1.81 -10.76
N GLN A 40 32.95 1.77 -11.86
CA GLN A 40 34.16 2.59 -11.98
C GLN A 40 33.84 4.09 -11.95
N ALA A 41 32.74 4.49 -12.57
CA ALA A 41 32.31 5.89 -12.55
C ALA A 41 32.01 6.34 -11.10
N TYR A 42 31.24 5.54 -10.36
CA TYR A 42 30.97 5.81 -8.95
C TYR A 42 32.26 5.89 -8.12
N ALA A 43 33.21 4.98 -8.37
CA ALA A 43 34.42 4.94 -7.55
C ALA A 43 35.26 6.19 -7.75
N ASP A 44 35.10 6.80 -8.92
CA ASP A 44 35.81 8.02 -9.27
C ASP A 44 35.24 9.23 -8.49
N ALA A 45 33.92 9.37 -8.49
CA ALA A 45 33.29 10.49 -7.81
C ALA A 45 33.39 10.41 -6.29
N ILE A 46 33.90 9.29 -5.77
CA ILE A 46 34.00 9.12 -4.32
C ILE A 46 35.45 9.02 -3.83
N SER A 47 36.40 9.44 -4.66
CA SER A 47 37.73 9.75 -4.16
C SER A 47 37.75 11.27 -3.97
N SER A 48 36.90 11.93 -4.74
CA SER A 48 36.46 13.30 -4.49
C SER A 48 36.00 13.47 -3.05
N ARG A 49 35.21 12.51 -2.57
CA ARG A 49 34.68 12.48 -1.22
C ARG A 49 35.77 12.35 -0.16
N PRO A 50 35.58 13.03 0.99
CA PRO A 50 36.35 12.77 2.21
C PRO A 50 35.74 11.61 2.96
N SER A 51 36.54 10.88 3.74
CA SER A 51 36.02 9.83 4.59
C SER A 51 34.91 10.40 5.46
N LEU A 52 33.69 9.89 5.28
CA LEU A 52 32.57 10.31 6.12
C LEU A 52 32.75 9.70 7.51
N PHE A 53 33.63 8.71 7.59
CA PHE A 53 33.94 8.02 8.84
C PHE A 53 35.14 8.67 9.52
N ALA A 54 34.95 9.91 9.93
CA ALA A 54 35.94 10.61 10.75
C ALA A 54 35.20 11.44 11.79
N PHE A 55 35.90 11.84 12.85
CA PHE A 55 35.34 12.73 13.86
C PHE A 55 35.36 14.17 13.35
N PRO A 56 34.29 14.93 13.64
CA PRO A 56 33.12 14.53 14.43
C PRO A 56 32.03 13.85 13.58
N LEU A 57 31.17 13.07 14.22
CA LEU A 57 30.10 12.38 13.52
C LEU A 57 28.83 13.21 13.49
N PRO A 58 28.16 13.26 12.33
CA PRO A 58 26.92 14.04 12.21
C PRO A 58 25.84 13.51 13.14
N GLU A 59 25.00 14.40 13.65
CA GLU A 59 23.92 13.94 14.51
C GLU A 59 22.96 13.07 13.71
N ILE A 60 22.80 13.40 12.43
CA ILE A 60 21.97 12.61 11.51
C ILE A 60 22.79 11.49 10.88
N ARG A 61 22.29 10.25 10.96
CA ARG A 61 23.05 9.13 10.44
C ARG A 61 22.28 8.39 9.35
N ASP A 62 21.06 8.84 9.10
CA ASP A 62 20.19 8.19 8.14
C ASP A 62 19.62 9.24 7.21
N GLY A 63 19.51 8.93 5.93
CA GLY A 63 18.86 9.85 5.00
C GLY A 63 18.63 9.24 3.64
N TYR A 64 17.67 9.76 2.91
CA TYR A 64 17.43 9.27 1.54
C TYR A 64 18.63 9.55 0.63
N GLN A 65 18.95 8.59 -0.23
CA GLN A 65 20.05 8.73 -1.20
C GLN A 65 19.66 9.54 -2.41
N SER A 66 18.38 9.45 -2.77
CA SER A 66 17.89 10.12 -3.97
C SER A 66 16.67 10.93 -3.61
N ASN A 67 15.79 10.32 -2.82
CA ASN A 67 14.41 10.79 -2.70
C ASN A 67 13.97 11.07 -4.13
N VAL A 68 13.86 9.98 -4.90
CA VAL A 68 13.84 10.01 -6.37
C VAL A 68 12.88 11.00 -7.04
N SER A 69 11.59 11.06 -6.66
CA SER A 69 10.96 10.33 -5.57
C SER A 69 9.93 9.37 -6.19
N ASP A 70 10.37 8.20 -6.63
CA ASP A 70 9.51 7.32 -7.44
C ASP A 70 9.36 5.95 -6.75
N PRO A 71 8.24 5.26 -7.00
CA PRO A 71 8.03 3.96 -6.35
C PRO A 71 8.59 2.83 -7.28
N SER A 72 7.90 2.03 -8.12
CA SER A 72 6.44 1.85 -8.28
C SER A 72 6.04 0.55 -7.59
N THR A 73 6.92 0.07 -6.72
CA THR A 73 6.57 -0.98 -5.78
C THR A 73 6.02 -0.33 -4.54
N GLU A 74 4.84 -0.77 -4.12
CA GLU A 74 4.19 -0.15 -2.99
C GLU A 74 4.13 -1.09 -1.80
N PHE A 75 4.36 -0.52 -0.62
CA PHE A 75 4.24 -1.28 0.61
C PHE A 75 3.74 -0.40 1.73
N THR A 76 3.03 -1.00 2.68
CA THR A 76 2.55 -0.27 3.83
C THR A 76 3.68 -0.20 4.87
N THR A 77 3.60 0.76 5.78
CA THR A 77 4.59 0.89 6.85
C THR A 77 3.92 0.98 8.21
N LYS A 78 4.32 0.12 9.12
CA LYS A 78 3.97 0.28 10.54
C LYS A 78 5.24 0.66 11.30
N ILE A 79 5.17 1.76 12.03
CA ILE A 79 6.29 2.19 12.85
C ILE A 79 6.13 1.61 14.25
N LEU A 80 7.18 1.00 14.76
CA LEU A 80 7.05 0.21 15.97
C LEU A 80 8.07 0.67 16.99
N SER A 81 7.60 0.92 18.21
CA SER A 81 8.49 1.14 19.34
C SER A 81 8.41 -0.08 20.23
N LEU A 82 9.42 -0.93 20.16
CA LEU A 82 9.39 -2.17 20.90
C LEU A 82 10.03 -1.96 22.25
N PRO A 83 9.27 -2.27 23.31
CA PRO A 83 9.73 -2.19 24.70
C PRO A 83 10.62 -3.36 25.06
N VAL A 84 11.77 -3.46 24.40
CA VAL A 84 12.68 -4.60 24.51
C VAL A 84 14.13 -4.18 24.23
N GLY A 85 15.05 -5.12 24.43
CA GLY A 85 16.45 -4.84 24.18
C GLY A 85 17.12 -4.24 25.39
N PRO A 86 18.45 -4.16 25.37
CA PRO A 86 19.16 -3.71 26.58
C PRO A 86 18.93 -2.24 26.89
N THR A 87 18.43 -1.45 25.95
CA THR A 87 18.23 -0.03 26.25
C THR A 87 16.80 0.28 26.64
N GLY A 88 15.94 -0.74 26.58
CA GLY A 88 14.52 -0.55 26.87
C GLY A 88 13.66 -0.28 25.64
N ASN A 89 14.30 0.07 24.52
CA ASN A 89 13.52 0.37 23.32
C ASN A 89 14.26 0.01 22.04
N VAL A 90 13.57 -0.68 21.14
CA VAL A 90 14.04 -0.83 19.78
C VAL A 90 12.98 -0.30 18.83
N THR A 91 13.40 0.60 17.97
CA THR A 91 12.57 1.06 16.87
C THR A 91 12.62 0.07 15.69
N ALA A 92 11.46 -0.35 15.21
CA ALA A 92 11.43 -1.19 14.01
C ALA A 92 10.41 -0.67 13.03
N TYR A 93 10.62 -1.01 11.76
CA TYR A 93 9.64 -0.73 10.72
C TYR A 93 9.16 -2.05 10.12
N LEU A 94 7.86 -2.27 10.13
CA LEU A 94 7.30 -3.44 9.45
C LEU A 94 6.72 -3.01 8.12
N TYR A 95 7.36 -3.44 7.04
CA TYR A 95 6.86 -3.18 5.70
C TYR A 95 6.14 -4.39 5.11
N LYS A 96 4.91 -4.17 4.63
CA LYS A 96 4.15 -5.24 3.98
C LYS A 96 3.78 -4.87 2.54
N PRO A 97 3.97 -5.79 1.59
CA PRO A 97 3.52 -5.46 0.22
C PRO A 97 2.00 -5.39 0.10
N VAL A 98 1.50 -4.67 -0.89
CA VAL A 98 0.05 -4.58 -1.13
C VAL A 98 -0.50 -5.81 -1.88
N SER A 99 -1.83 -5.95 -1.88
CA SER A 99 -2.49 -7.09 -2.55
C SER A 99 -3.06 -6.74 -3.93
N ASP A 107 -2.19 -17.17 3.87
CA ASP A 107 -2.87 -15.89 4.12
C ASP A 107 -1.96 -14.93 4.92
N LEU A 108 -1.15 -15.49 5.81
CA LEU A 108 -0.12 -14.72 6.51
C LEU A 108 1.13 -14.52 5.64
N LEU A 109 1.64 -13.29 5.57
CA LEU A 109 2.84 -13.02 4.79
C LEU A 109 4.10 -13.61 5.40
N PRO A 110 4.99 -14.17 4.55
CA PRO A 110 6.33 -14.49 5.05
C PRO A 110 6.99 -13.19 5.49
N VAL A 111 8.00 -13.25 6.36
CA VAL A 111 8.63 -12.01 6.79
C VAL A 111 10.15 -12.14 6.85
N ILE A 112 10.81 -11.11 6.32
CA ILE A 112 12.25 -11.04 6.34
C ILE A 112 12.71 -10.07 7.42
N ALA A 113 13.41 -10.57 8.43
CA ALA A 113 14.03 -9.70 9.41
C ALA A 113 15.31 -9.15 8.78
N TYR A 114 15.36 -7.84 8.58
CA TYR A 114 16.52 -7.27 7.90
C TYR A 114 17.35 -6.38 8.82
N PHE A 115 18.66 -6.64 8.82
CA PHE A 115 19.62 -5.89 9.61
C PHE A 115 20.57 -5.12 8.70
N HIS A 116 20.48 -3.79 8.71
CA HIS A 116 21.18 -2.97 7.73
C HIS A 116 22.68 -2.78 8.05
N GLY A 117 23.45 -2.45 7.01
CA GLY A 117 24.87 -2.20 7.17
C GLY A 117 25.14 -0.72 7.33
N GLY A 118 26.40 -0.34 7.17
CA GLY A 118 26.82 1.02 7.46
C GLY A 118 27.82 1.14 8.60
N GLY A 119 28.58 0.06 8.83
CA GLY A 119 29.66 0.05 9.82
C GLY A 119 29.27 0.25 11.28
N TRP A 120 28.01 -0.05 11.61
CA TRP A 120 27.40 0.19 12.92
C TRP A 120 27.29 1.67 13.25
N VAL A 121 27.74 2.54 12.34
CA VAL A 121 27.72 3.97 12.58
C VAL A 121 26.62 4.67 11.80
N PHE A 122 26.33 4.18 10.60
CA PHE A 122 25.39 4.85 9.72
C PHE A 122 24.28 3.92 9.26
N GLY A 123 23.29 4.49 8.59
CA GLY A 123 22.25 3.71 7.95
C GLY A 123 20.95 3.77 8.72
N GLY A 124 19.89 3.26 8.12
CA GLY A 124 18.57 3.31 8.74
C GLY A 124 17.51 3.11 7.67
N PRO A 125 16.24 3.31 8.01
CA PRO A 125 15.16 3.07 7.05
C PRO A 125 15.29 3.91 5.77
N LYS A 126 15.78 5.14 5.88
CA LYS A 126 15.76 6.03 4.73
C LYS A 126 16.86 5.70 3.72
N SER A 127 18.07 5.47 4.22
CA SER A 127 19.20 5.24 3.33
C SER A 127 19.12 3.86 2.71
N TYR A 128 18.21 3.05 3.23
CA TYR A 128 18.09 1.65 2.82
C TYR A 128 16.77 1.42 2.09
N ARG A 129 16.09 2.51 1.73
CA ARG A 129 14.79 2.41 1.09
C ARG A 129 14.87 1.62 -0.22
N GLY A 130 15.97 1.77 -0.96
CA GLY A 130 16.09 1.12 -2.24
C GLY A 130 16.16 -0.38 -2.13
N LEU A 131 17.12 -0.84 -1.33
CA LEU A 131 17.27 -2.24 -1.05
C LEU A 131 15.97 -2.84 -0.50
N ILE A 132 15.31 -2.16 0.43
CA ILE A 132 14.10 -2.71 1.01
C ILE A 132 13.00 -2.85 -0.05
N THR A 133 12.81 -1.84 -0.89
CA THR A 133 11.76 -1.92 -1.91
C THR A 133 12.10 -3.01 -2.91
N ASN A 134 13.39 -3.15 -3.25
CA ASN A 134 13.86 -4.27 -4.08
C ASN A 134 13.48 -5.61 -3.46
N LEU A 135 13.88 -5.84 -2.20
CA LEU A 135 13.57 -7.08 -1.52
C LEU A 135 12.06 -7.37 -1.54
N ILE A 136 11.27 -6.35 -1.20
CA ILE A 136 9.84 -6.50 -1.17
C ILE A 136 9.31 -6.87 -2.55
N ARG A 137 9.80 -6.18 -3.58
CA ARG A 137 9.28 -6.39 -4.91
C ARG A 137 9.56 -7.83 -5.36
N GLU A 138 10.80 -8.26 -5.20
CA GLU A 138 11.23 -9.56 -5.67
C GLU A 138 10.79 -10.72 -4.77
N SER A 139 10.63 -10.50 -3.47
CA SER A 139 10.37 -11.62 -2.56
C SER A 139 8.89 -11.84 -2.23
N GLY A 140 8.08 -10.79 -2.41
CA GLY A 140 6.70 -10.82 -1.99
C GLY A 140 6.53 -10.94 -0.47
N ALA A 141 7.63 -10.84 0.27
CA ALA A 141 7.61 -10.99 1.72
C ALA A 141 7.51 -9.66 2.45
N ALA A 142 6.99 -9.71 3.67
CA ALA A 142 7.08 -8.59 4.58
C ALA A 142 8.55 -8.36 4.95
N VAL A 143 8.92 -7.13 5.27
CA VAL A 143 10.25 -6.85 5.78
C VAL A 143 10.18 -6.19 7.16
N PHE A 144 10.85 -6.81 8.12
CA PHE A 144 10.93 -6.34 9.49
C PHE A 144 12.32 -5.72 9.63
N PHE A 145 12.37 -4.39 9.54
CA PHE A 145 13.64 -3.67 9.47
C PHE A 145 13.98 -3.12 10.86
N VAL A 146 14.98 -3.71 11.50
CA VAL A 146 15.36 -3.28 12.83
C VAL A 146 16.22 -2.03 12.77
N ASP A 147 15.71 -0.93 13.30
CA ASP A 147 16.47 0.31 13.30
C ASP A 147 17.34 0.43 14.58
N TYR A 148 18.28 -0.48 14.75
CA TYR A 148 19.08 -0.56 15.97
C TYR A 148 19.85 0.74 16.27
N THR A 149 20.25 0.91 17.53
CA THR A 149 20.98 2.09 17.96
C THR A 149 22.42 2.10 17.39
N LEU A 150 22.87 3.26 16.91
CA LEU A 150 24.19 3.37 16.26
C LEU A 150 25.32 3.75 17.20
N THR A 151 26.52 3.28 16.89
CA THR A 151 27.69 3.62 17.67
C THR A 151 27.99 5.13 17.51
N PRO A 152 28.64 5.74 18.51
CA PRO A 152 29.08 5.09 19.76
C PRO A 152 28.10 5.25 20.91
N LYS A 153 26.87 5.69 20.63
CA LYS A 153 25.88 5.87 21.69
C LYS A 153 25.66 4.56 22.44
N VAL A 154 25.84 3.44 21.75
CA VAL A 154 25.96 2.15 22.38
C VAL A 154 27.15 1.46 21.72
N ALA A 155 27.54 0.29 22.24
CA ALA A 155 28.58 -0.48 21.59
C ALA A 155 28.23 -1.95 21.71
N TYR A 156 28.95 -2.80 20.99
CA TYR A 156 28.85 -4.24 21.15
C TYR A 156 28.75 -4.58 22.64
N PRO A 157 27.84 -5.49 23.04
CA PRO A 157 26.89 -6.30 22.25
C PRO A 157 25.47 -5.72 22.17
N VAL A 158 25.33 -4.43 22.41
CA VAL A 158 24.01 -3.85 22.52
C VAL A 158 23.24 -3.88 21.20
N PRO A 159 23.88 -3.50 20.08
CA PRO A 159 23.11 -3.61 18.83
C PRO A 159 22.77 -5.05 18.51
N ASN A 160 23.70 -5.98 18.71
CA ASN A 160 23.41 -7.40 18.57
C ASN A 160 22.20 -7.82 19.38
N GLU A 161 22.18 -7.44 20.65
CA GLU A 161 21.09 -7.87 21.53
C GLU A 161 19.77 -7.18 21.16
N GLN A 162 19.86 -5.92 20.74
CA GLN A 162 18.67 -5.23 20.25
C GLN A 162 18.06 -6.00 19.08
N CYS A 163 18.90 -6.39 18.13
CA CYS A 163 18.43 -7.12 16.96
C CYS A 163 17.83 -8.42 17.42
N TYR A 164 18.55 -9.12 18.28
CA TYR A 164 18.06 -10.38 18.80
C TYR A 164 16.70 -10.24 19.49
N ALA A 165 16.51 -9.16 20.25
CA ALA A 165 15.26 -9.01 21.01
C ALA A 165 14.10 -8.64 20.10
N ALA A 166 14.40 -7.87 19.06
CA ALA A 166 13.39 -7.45 18.10
C ALA A 166 12.79 -8.68 17.45
N VAL A 167 13.68 -9.60 17.09
CA VAL A 167 13.30 -10.87 16.50
C VAL A 167 12.44 -11.72 17.45
N GLN A 168 12.83 -11.80 18.73
CA GLN A 168 12.00 -12.48 19.73
C GLN A 168 10.61 -11.83 19.79
N TRP A 169 10.59 -10.50 19.84
CA TRP A 169 9.34 -9.77 19.84
C TRP A 169 8.50 -10.14 18.62
N LEU A 170 9.16 -10.19 17.45
CA LEU A 170 8.48 -10.50 16.19
C LEU A 170 7.87 -11.90 16.24
N LEU A 171 8.65 -12.84 16.78
CA LEU A 171 8.19 -14.22 16.92
C LEU A 171 6.87 -14.30 17.66
N GLU A 172 6.71 -13.45 18.67
CA GLU A 172 5.55 -13.51 19.54
C GLU A 172 4.36 -12.66 19.05
N HIS A 173 4.64 -11.51 18.44
CA HIS A 173 3.58 -10.59 18.06
C HIS A 173 3.28 -10.54 16.57
N GLY A 174 4.07 -11.24 15.77
CA GLY A 174 4.00 -11.13 14.33
C GLY A 174 2.70 -11.57 13.69
N GLU A 175 2.16 -12.70 14.14
CA GLU A 175 0.93 -13.23 13.56
C GLU A 175 -0.22 -12.22 13.60
N LYS A 176 -0.32 -11.45 14.69
CA LYS A 176 -1.40 -10.47 14.80
C LYS A 176 -1.08 -9.22 14.00
N LEU A 177 0.10 -9.19 13.40
CA LEU A 177 0.46 -8.12 12.47
C LEU A 177 0.35 -8.60 11.04
N GLY A 178 -0.07 -9.85 10.86
CA GLY A 178 -0.33 -10.37 9.52
C GLY A 178 0.87 -11.03 8.86
N VAL A 179 1.91 -11.31 9.64
CA VAL A 179 3.06 -12.02 9.11
C VAL A 179 3.19 -13.35 9.83
N ASP A 180 3.92 -14.28 9.21
CA ASP A 180 4.05 -15.62 9.74
C ASP A 180 5.47 -15.81 10.22
N PRO A 181 5.67 -15.82 11.53
CA PRO A 181 7.00 -15.95 12.16
C PRO A 181 7.63 -17.32 11.97
N THR A 182 6.82 -18.31 11.63
CA THR A 182 7.31 -19.65 11.36
C THR A 182 7.85 -19.68 9.95
N ASN A 183 7.74 -18.54 9.27
CA ASN A 183 8.22 -18.43 7.92
C ASN A 183 9.10 -17.19 7.73
N MET A 184 10.26 -17.21 8.38
CA MET A 184 11.07 -16.01 8.54
C MET A 184 12.40 -16.07 7.82
N GLY A 185 12.81 -14.96 7.22
CA GLY A 185 14.14 -14.85 6.67
C GLY A 185 15.00 -13.93 7.53
N PHE A 186 16.32 -14.07 7.43
CA PHE A 186 17.28 -13.11 7.97
C PHE A 186 18.07 -12.56 6.79
N GLY A 187 18.29 -11.26 6.76
CA GLY A 187 19.12 -10.67 5.74
C GLY A 187 19.95 -9.59 6.38
N GLY A 188 21.20 -9.43 5.95
CA GLY A 188 22.00 -8.33 6.44
C GLY A 188 23.21 -8.10 5.56
N ASP A 189 23.65 -6.84 5.47
CA ASP A 189 24.81 -6.51 4.66
C ASP A 189 25.89 -5.87 5.53
N ALA A 191 28.06 -4.91 8.32
CA ALA A 191 27.76 -4.87 9.75
C ALA A 191 26.45 -5.62 10.05
N GLY A 192 25.47 -5.43 9.17
CA GLY A 192 24.19 -6.10 9.29
C GLY A 192 24.33 -7.59 9.05
N GLY A 193 25.37 -8.00 8.31
CA GLY A 193 25.65 -9.41 8.14
C GLY A 193 26.19 -10.00 9.43
N GLU A 194 27.13 -9.28 10.03
CA GLU A 194 27.59 -9.58 11.40
C GLU A 194 26.40 -9.71 12.36
N LEU A 195 25.50 -8.74 12.34
CA LEU A 195 24.33 -8.81 13.21
C LEU A 195 23.45 -10.02 12.87
N SER A 196 23.25 -10.24 11.59
CA SER A 196 22.43 -11.37 11.14
C SER A 196 22.94 -12.70 11.68
N SER A 197 24.20 -12.98 11.40
CA SER A 197 24.81 -14.22 11.88
C SER A 197 24.94 -14.22 13.41
N SER A 198 25.12 -13.04 14.02
CA SER A 198 25.17 -12.93 15.48
C SER A 198 23.83 -13.35 16.06
N VAL A 199 22.74 -12.80 15.52
CA VAL A 199 21.41 -13.16 16.00
C VAL A 199 21.14 -14.65 15.81
N SER A 200 21.65 -15.22 14.72
CA SER A 200 21.49 -16.66 14.47
C SER A 200 22.22 -17.44 15.57
N LEU A 201 23.46 -17.05 15.83
CA LEU A 201 24.25 -17.70 16.88
C LEU A 201 23.57 -17.60 18.25
N LEU A 202 23.12 -16.40 18.62
CA LEU A 202 22.42 -16.20 19.88
C LEU A 202 21.16 -17.09 20.01
N SER A 203 20.47 -17.32 18.88
CA SER A 203 19.28 -18.19 18.85
C SER A 203 19.63 -19.66 19.11
N ILE A 204 20.81 -20.03 18.65
CA ILE A 204 21.26 -21.40 18.77
C ILE A 204 21.64 -21.64 20.22
N LYS A 205 22.36 -20.69 20.80
CA LYS A 205 22.74 -20.73 22.20
C LYS A 205 21.55 -20.70 23.14
N ARG A 206 20.51 -19.92 22.80
CA ARG A 206 19.36 -19.73 23.69
C ARG A 206 18.19 -20.64 23.33
N LYS A 207 18.36 -21.41 22.26
CA LYS A 207 17.32 -22.33 21.79
C LYS A 207 16.02 -21.60 21.50
N THR A 208 16.15 -20.42 20.87
CA THR A 208 14.98 -19.76 20.29
C THR A 208 15.00 -19.98 18.77
N PRO A 209 13.83 -19.95 18.13
CA PRO A 209 13.74 -20.39 16.72
C PRO A 209 14.64 -19.64 15.73
N LEU A 210 15.29 -20.40 14.88
CA LEU A 210 16.06 -19.88 13.75
C LEU A 210 15.13 -19.53 12.58
N PRO A 211 15.60 -18.68 11.65
CA PRO A 211 14.88 -18.45 10.39
C PRO A 211 14.98 -19.63 9.41
N LYS A 212 14.05 -19.72 8.46
CA LYS A 212 14.15 -20.74 7.43
C LYS A 212 15.36 -20.47 6.54
N PHE A 213 15.62 -19.20 6.28
CA PHE A 213 16.63 -18.83 5.30
C PHE A 213 17.38 -17.56 5.69
N GLN A 214 18.69 -17.55 5.46
CA GLN A 214 19.50 -16.38 5.78
C GLN A 214 20.38 -15.92 4.59
N VAL A 215 20.36 -14.62 4.30
CA VAL A 215 21.26 -14.05 3.31
C VAL A 215 22.25 -13.06 3.95
N LEU A 216 23.54 -13.33 3.79
CA LEU A 216 24.61 -12.44 4.22
C LEU A 216 25.25 -11.73 3.02
N ILE A 217 25.26 -10.40 3.02
CA ILE A 217 25.76 -9.64 1.87
C ILE A 217 27.08 -8.97 2.24
N TYR A 218 28.18 -9.40 1.62
CA TYR A 218 29.54 -9.09 2.06
C TYR A 218 29.61 -8.89 3.58
N PRO A 219 29.33 -9.95 4.36
CA PRO A 219 29.23 -9.82 5.81
C PRO A 219 30.57 -9.57 6.50
N ALA A 220 30.57 -8.82 7.59
CA ALA A 220 31.70 -8.85 8.51
C ALA A 220 31.46 -10.02 9.45
N THR A 221 32.31 -11.02 9.42
CA THR A 221 32.08 -12.20 10.23
C THR A 221 33.22 -12.44 11.22
N ASP A 222 34.29 -11.67 11.09
CA ASP A 222 35.47 -11.80 11.93
C ASP A 222 36.15 -10.46 12.08
N LEU A 223 35.85 -9.77 13.18
CA LEU A 223 36.38 -8.44 13.44
C LEU A 223 37.80 -8.51 14.03
N ALA A 224 38.18 -9.70 14.50
CA ALA A 224 39.44 -9.88 15.25
C ALA A 224 40.69 -9.92 14.37
N CYS A 225 40.58 -10.53 13.19
CA CYS A 225 41.76 -10.78 12.33
C CYS A 225 41.68 -10.12 10.97
N GLU A 226 42.85 -9.79 10.41
CA GLU A 226 42.92 -9.20 9.08
C GLU A 226 43.17 -10.27 8.06
N SER A 227 42.17 -10.54 7.26
CA SER A 227 42.22 -11.61 6.28
C SER A 227 43.00 -11.19 5.04
N ALA A 228 43.22 -12.12 4.11
CA ALA A 228 44.03 -11.86 2.92
C ALA A 228 43.62 -10.61 2.14
N THR A 229 42.33 -10.34 2.05
CA THR A 229 41.88 -9.23 1.21
C THR A 229 41.94 -7.86 1.89
N PHE A 230 42.14 -7.81 3.22
CA PHE A 230 42.41 -6.53 3.88
C PHE A 230 43.69 -5.97 3.27
N LYS A 231 44.65 -6.85 3.09
CA LYS A 231 45.91 -6.51 2.46
C LYS A 231 45.69 -6.19 0.99
N GLU A 232 45.00 -7.08 0.28
CA GLU A 232 44.79 -6.90 -1.16
C GLU A 232 44.08 -5.59 -1.55
N PHE A 233 43.24 -5.06 -0.68
CA PHE A 233 42.50 -3.84 -1.02
C PHE A 233 42.54 -2.74 0.07
N PRO A 234 43.73 -2.20 0.35
CA PRO A 234 43.90 -1.25 1.45
C PRO A 234 43.02 -0.03 1.25
N ASN A 235 42.95 0.45 0.02
CA ASN A 235 42.12 1.58 -0.31
C ASN A 235 41.09 1.24 -1.36
N GLY A 236 41.30 0.10 -2.04
CA GLY A 236 40.48 -0.38 -3.15
C GLY A 236 39.06 0.10 -2.99
N PRO A 237 38.55 0.85 -3.98
CA PRO A 237 37.50 1.86 -3.83
C PRO A 237 36.27 1.38 -3.09
N GLY A 238 35.48 2.31 -2.56
CA GLY A 238 34.19 1.96 -1.96
C GLY A 238 34.22 1.62 -0.49
N LEU A 239 35.35 1.14 0.00
CA LEU A 239 35.53 0.82 1.40
C LEU A 239 37.00 0.72 1.71
N THR A 240 37.52 1.66 2.49
CA THR A 240 38.93 1.67 2.84
C THR A 240 39.23 0.84 4.09
N THR A 241 40.48 0.42 4.24
CA THR A 241 40.84 -0.42 5.36
C THR A 241 40.90 0.40 6.66
N ASP A 242 40.96 1.73 6.52
CA ASP A 242 40.98 2.62 7.67
C ASP A 242 39.58 2.99 8.13
N GLU A 243 38.64 2.97 7.18
CA GLU A 243 37.24 3.10 7.53
C GLU A 243 36.78 1.87 8.27
N ILE A 244 37.42 0.72 8.00
CA ILE A 244 37.08 -0.51 8.68
C ILE A 244 37.60 -0.52 10.12
N ARG A 245 38.87 -0.16 10.30
CA ARG A 245 39.48 -0.17 11.63
C ARG A 245 38.75 0.82 12.56
N PHE A 246 38.45 1.99 12.01
CA PHE A 246 37.67 3.02 12.69
C PHE A 246 36.27 2.56 13.16
N ALA A 247 35.49 1.94 12.28
CA ALA A 247 34.17 1.46 12.68
C ALA A 247 34.31 0.37 13.73
N ALA A 248 35.35 -0.44 13.63
CA ALA A 248 35.57 -1.49 14.61
C ALA A 248 35.91 -0.91 15.99
N SER A 249 36.55 0.26 15.99
CA SER A 249 36.98 0.89 17.22
C SER A 249 35.79 1.59 17.90
N LEU A 250 34.79 1.98 17.12
CA LEU A 250 33.58 2.56 17.69
C LEU A 250 32.63 1.46 18.13
N PHE A 251 32.63 0.35 17.40
CA PHE A 251 31.72 -0.74 17.70
C PHE A 251 32.29 -1.64 18.77
N THR A 252 33.60 -1.89 18.69
CA THR A 252 34.26 -2.74 19.66
C THR A 252 35.51 -2.05 20.22
N PRO A 253 35.30 -1.04 21.07
CA PRO A 253 36.46 -0.29 21.61
C PRO A 253 37.43 -1.19 22.41
N ASP A 254 36.90 -2.26 23.02
CA ASP A 254 37.74 -3.27 23.66
C ASP A 254 38.08 -4.36 22.63
N PRO A 255 39.32 -4.33 22.12
CA PRO A 255 39.69 -5.27 21.06
C PRO A 255 39.48 -6.72 21.47
N LYS A 256 39.51 -7.01 22.77
CA LYS A 256 39.27 -8.36 23.23
C LYS A 256 37.86 -8.86 22.90
N SER A 257 36.93 -7.93 22.65
CA SER A 257 35.55 -8.28 22.30
C SER A 257 35.52 -9.01 20.97
N ARG A 258 36.37 -8.56 20.05
CA ARG A 258 36.37 -9.09 18.69
C ARG A 258 36.64 -10.57 18.60
N LEU A 259 37.17 -11.17 19.66
CA LEU A 259 37.50 -12.59 19.61
C LEU A 259 36.29 -13.41 20.00
N GLU A 260 35.29 -12.77 20.57
CA GLU A 260 34.09 -13.48 21.00
C GLU A 260 33.24 -13.87 19.79
N ASP A 261 32.58 -15.00 19.91
CA ASP A 261 31.80 -15.55 18.82
C ASP A 261 30.55 -14.69 18.56
N VAL A 262 29.99 -14.09 19.60
CA VAL A 262 28.81 -13.26 19.40
C VAL A 262 29.19 -12.03 18.58
N ALA A 263 30.41 -11.54 18.77
CA ALA A 263 30.89 -10.42 17.98
C ALA A 263 31.34 -10.86 16.59
N SER A 264 32.10 -11.95 16.53
CA SER A 264 32.67 -12.46 15.29
C SER A 264 32.21 -13.89 15.07
N PRO A 265 31.02 -14.07 14.48
CA PRO A 265 30.42 -15.40 14.33
C PRO A 265 31.27 -16.33 13.46
N GLY A 266 32.23 -15.77 12.73
CA GLY A 266 33.21 -16.58 12.02
C GLY A 266 34.03 -17.39 12.99
N ARG A 267 34.19 -16.88 14.22
CA ARG A 267 34.98 -17.57 15.23
C ARG A 267 34.11 -18.44 16.14
N ALA A 268 32.90 -18.77 15.71
CA ALA A 268 32.05 -19.62 16.54
C ALA A 268 32.49 -21.08 16.45
N SER A 269 32.04 -21.90 17.40
CA SER A 269 32.43 -23.31 17.44
C SER A 269 31.83 -24.09 16.26
N ASP A 270 32.46 -25.21 15.90
CA ASP A 270 31.94 -26.04 14.82
C ASP A 270 30.56 -26.50 15.20
N GLU A 271 30.38 -26.80 16.47
CA GLU A 271 29.14 -27.38 16.97
C GLU A 271 27.96 -26.42 16.85
N ASP A 272 28.20 -25.13 17.10
CA ASP A 272 27.17 -24.11 16.96
C ASP A 272 26.91 -23.80 15.50
N LEU A 273 27.99 -23.54 14.75
CA LEU A 273 27.88 -23.19 13.33
C LEU A 273 27.19 -24.25 12.51
N ALA A 274 27.29 -25.51 12.96
CA ALA A 274 26.67 -26.64 12.26
C ALA A 274 25.15 -26.59 12.33
N LYS A 275 24.64 -25.68 13.14
CA LYS A 275 23.21 -25.59 13.28
C LYS A 275 22.67 -24.33 12.63
N PHE A 276 23.53 -23.61 11.93
CA PHE A 276 23.09 -22.40 11.24
C PHE A 276 22.00 -22.74 10.24
N PRO A 277 21.05 -21.82 10.03
CA PRO A 277 20.03 -21.99 8.99
C PRO A 277 20.67 -22.05 7.61
N GLU A 278 19.96 -22.60 6.61
CA GLU A 278 20.45 -22.53 5.24
C GLU A 278 20.77 -21.07 4.92
N THR A 279 21.95 -20.86 4.34
CA THR A 279 22.51 -19.53 4.22
C THR A 279 22.99 -19.25 2.80
N LEU A 280 22.67 -18.06 2.30
CA LEU A 280 23.22 -17.58 1.05
C LEU A 280 24.18 -16.42 1.31
N ILE A 281 25.42 -16.54 0.85
CA ILE A 281 26.42 -15.50 1.02
C ILE A 281 26.81 -14.92 -0.35
N VAL A 282 26.77 -13.58 -0.45
CA VAL A 282 27.10 -12.87 -1.68
C VAL A 282 28.19 -11.87 -1.39
N VAL A 283 29.30 -11.94 -2.11
CA VAL A 283 30.40 -11.01 -1.87
C VAL A 283 30.75 -10.19 -3.10
N ALA A 284 31.29 -9.00 -2.87
CA ALA A 284 31.86 -8.18 -3.92
C ALA A 284 33.33 -8.57 -4.13
N GLU A 285 33.75 -8.61 -5.39
CA GLU A 285 35.12 -9.02 -5.71
C GLU A 285 36.14 -8.08 -5.09
N VAL A 286 35.91 -6.78 -5.25
CA VAL A 286 36.88 -5.76 -4.86
C VAL A 286 36.47 -5.13 -3.53
N ASP A 287 36.94 -5.75 -2.46
CA ASP A 287 36.42 -5.49 -1.15
C ASP A 287 37.42 -6.03 -0.17
N PRO A 288 37.90 -5.18 0.75
CA PRO A 288 38.79 -5.59 1.85
C PRO A 288 38.19 -6.75 2.64
N ILE A 289 36.86 -6.77 2.70
CA ILE A 289 36.11 -7.66 3.59
C ILE A 289 35.68 -8.98 2.90
N ARG A 290 36.02 -9.11 1.62
CA ARG A 290 35.53 -10.23 0.80
C ARG A 290 35.83 -11.59 1.39
N GLN A 291 37.07 -11.79 1.85
CA GLN A 291 37.51 -13.08 2.40
C GLN A 291 36.71 -13.59 3.62
N GLN A 292 36.12 -12.68 4.40
CA GLN A 292 35.35 -13.08 5.58
C GLN A 292 34.11 -13.86 5.16
N GLY A 293 33.32 -13.25 4.27
CA GLY A 293 32.17 -13.91 3.70
C GLY A 293 32.52 -15.27 3.11
N GLU A 294 33.58 -15.33 2.32
CA GLU A 294 33.95 -16.59 1.65
C GLU A 294 34.42 -17.63 2.66
N ASP A 295 35.26 -17.22 3.60
CA ASP A 295 35.71 -18.10 4.70
C ASP A 295 34.52 -18.62 5.49
N PHE A 296 33.61 -17.71 5.86
CA PHE A 296 32.45 -18.09 6.66
C PHE A 296 31.64 -19.15 5.92
N GLY A 297 31.44 -18.90 4.62
CA GLY A 297 30.67 -19.80 3.80
C GLY A 297 31.27 -21.19 3.69
N ARG A 298 32.58 -21.25 3.46
CA ARG A 298 33.32 -22.54 3.36
C ARG A 298 33.23 -23.31 4.66
N ARG A 299 33.23 -22.54 5.74
CA ARG A 299 33.13 -23.08 7.08
C ARG A 299 31.76 -23.74 7.24
N LEU A 300 30.72 -23.09 6.74
CA LEU A 300 29.38 -23.67 6.82
C LEU A 300 29.26 -24.90 5.93
N GLN A 301 29.91 -24.86 4.77
CA GLN A 301 29.82 -25.96 3.81
C GLN A 301 30.48 -27.17 4.41
N LYS A 302 31.67 -26.98 4.95
CA LYS A 302 32.42 -28.03 5.63
C LYS A 302 31.62 -28.68 6.77
N LEU A 303 30.83 -27.88 7.48
CA LEU A 303 30.09 -28.40 8.63
C LEU A 303 28.74 -28.98 8.26
N GLY A 304 28.42 -28.96 6.97
CA GLY A 304 27.19 -29.57 6.50
C GLY A 304 25.96 -28.68 6.50
N VAL A 305 26.16 -27.37 6.62
CA VAL A 305 25.06 -26.42 6.43
C VAL A 305 24.87 -26.16 4.93
N ARG A 306 23.63 -26.20 4.44
CA ARG A 306 23.36 -25.77 3.07
C ARG A 306 23.79 -24.30 2.89
N ALA A 307 24.87 -24.10 2.16
CA ALA A 307 25.42 -22.76 2.03
C ALA A 307 25.89 -22.48 0.60
N ALA A 308 25.31 -21.46 -0.02
CA ALA A 308 25.65 -21.06 -1.38
C ALA A 308 26.48 -19.80 -1.33
N ILE A 309 27.65 -19.82 -1.99
CA ILE A 309 28.57 -18.68 -1.98
C ILE A 309 28.87 -18.18 -3.38
N ILE A 310 28.61 -16.89 -3.59
CA ILE A 310 28.61 -16.28 -4.89
C ILE A 310 29.45 -15.00 -4.83
N ARG A 311 30.48 -14.92 -5.67
CA ARG A 311 31.29 -13.71 -5.74
C ARG A 311 30.97 -12.92 -7.00
N VAL A 312 30.64 -11.64 -6.87
CA VAL A 312 30.27 -10.83 -8.02
C VAL A 312 31.46 -10.07 -8.58
N LEU A 313 31.90 -10.36 -9.80
CA LEU A 313 33.13 -9.71 -10.30
C LEU A 313 32.91 -8.28 -10.83
N GLY A 314 33.95 -7.47 -10.71
CA GLY A 314 33.89 -6.10 -11.19
C GLY A 314 33.02 -5.16 -10.38
N THR A 315 32.74 -5.52 -9.12
CA THR A 315 31.97 -4.66 -8.24
C THR A 315 32.64 -4.45 -6.88
N ILE A 316 32.15 -3.43 -6.16
CA ILE A 316 32.75 -3.02 -4.89
C ILE A 316 31.78 -3.15 -3.71
N HIS A 317 32.32 -3.10 -2.50
CA HIS A 317 31.51 -3.07 -1.29
C HIS A 317 30.41 -2.04 -1.40
N GLY A 318 29.22 -2.41 -0.94
CA GLY A 318 28.12 -1.47 -0.93
C GLY A 318 27.18 -1.58 -2.11
N PHE A 319 27.48 -2.50 -3.03
CA PHE A 319 26.71 -2.52 -4.28
C PHE A 319 25.23 -2.80 -4.03
N ALA A 320 24.91 -3.53 -2.96
CA ALA A 320 23.51 -3.87 -2.73
C ALA A 320 22.68 -2.70 -2.18
N SER A 321 23.31 -1.73 -1.50
CA SER A 321 22.54 -0.64 -0.87
C SER A 321 22.70 0.75 -1.51
N ILE A 322 23.88 1.06 -2.05
CA ILE A 322 24.08 2.30 -2.81
C ILE A 322 23.31 2.32 -4.15
N ASP A 323 22.41 3.30 -4.32
CA ASP A 323 21.47 3.29 -5.45
C ASP A 323 22.13 3.16 -6.83
N VAL A 324 23.18 3.96 -7.05
CA VAL A 324 23.91 3.98 -8.31
C VAL A 324 24.51 2.62 -8.66
N LEU A 325 25.27 2.05 -7.72
CA LEU A 325 25.91 0.78 -7.94
C LEU A 325 24.91 -0.35 -8.17
N SER A 326 23.69 -0.17 -7.69
CA SER A 326 22.73 -1.27 -7.64
C SER A 326 22.13 -1.52 -9.02
N GLU A 327 22.39 -0.59 -9.94
CA GLU A 327 21.88 -0.73 -11.29
C GLU A 327 22.92 -1.32 -12.26
N ALA A 328 24.14 -1.55 -11.77
CA ALA A 328 25.14 -2.28 -12.55
C ALA A 328 24.67 -3.73 -12.74
N PRO A 329 25.10 -4.39 -13.82
CA PRO A 329 24.59 -5.74 -14.15
C PRO A 329 24.76 -6.80 -13.05
N GLY A 330 26.00 -7.04 -12.60
CA GLY A 330 26.26 -7.99 -11.54
C GLY A 330 25.48 -7.72 -10.24
N ALA A 331 25.54 -6.49 -9.78
CA ALA A 331 24.78 -6.08 -8.60
C ALA A 331 23.32 -6.35 -8.79
N LYS A 332 22.78 -5.85 -9.90
CA LYS A 332 21.34 -5.93 -10.15
C LYS A 332 20.87 -7.37 -10.19
N ALA A 333 21.67 -8.22 -10.82
CA ALA A 333 21.32 -9.64 -10.95
C ALA A 333 21.31 -10.34 -9.58
N THR A 334 22.30 -10.05 -8.74
CA THR A 334 22.38 -10.70 -7.44
C THR A 334 21.38 -10.12 -6.43
N ILE A 335 21.03 -8.85 -6.55
CA ILE A 335 19.97 -8.30 -5.72
C ILE A 335 18.67 -9.04 -6.05
N GLU A 336 18.41 -9.24 -7.33
CA GLU A 336 17.24 -9.99 -7.77
C GLU A 336 17.28 -11.43 -7.25
N LEU A 337 18.44 -12.05 -7.31
CA LEU A 337 18.58 -13.41 -6.85
C LEU A 337 18.24 -13.53 -5.37
N ILE A 338 18.85 -12.65 -4.55
CA ILE A 338 18.57 -12.57 -3.11
C ILE A 338 17.06 -12.52 -2.82
N GLY A 339 16.37 -11.58 -3.45
CA GLY A 339 14.93 -11.44 -3.31
C GLY A 339 14.17 -12.67 -3.79
N TYR A 340 14.53 -13.16 -4.97
CA TYR A 340 13.93 -14.37 -5.51
C TYR A 340 14.16 -15.57 -4.57
N LYS A 341 15.34 -15.64 -3.99
CA LYS A 341 15.67 -16.77 -3.14
C LYS A 341 14.86 -16.77 -1.83
N PHE A 342 14.59 -15.58 -1.26
CA PHE A 342 13.65 -15.48 -0.15
C PHE A 342 12.27 -15.95 -0.54
N LYS A 343 11.84 -15.62 -1.76
CA LYS A 343 10.53 -16.03 -2.25
C LYS A 343 10.39 -17.55 -2.28
N LYS A 344 11.42 -18.24 -2.76
CA LYS A 344 11.38 -19.70 -2.84
C LYS A 344 11.57 -20.40 -1.49
N ALA A 345 12.47 -19.87 -0.67
CA ALA A 345 12.78 -20.51 0.60
C ALA A 345 11.70 -20.26 1.63
N LEU A 346 11.02 -19.11 1.54
CA LEU A 346 10.02 -18.75 2.55
C LEU A 346 8.59 -19.12 2.17
N HIS A 347 8.32 -20.41 2.18
CA HIS A 347 6.94 -20.87 2.40
C HIS A 347 7.06 -22.28 2.98
N GLN B 34 -30.40 10.66 26.06
CA GLN B 34 -29.81 11.86 25.47
C GLN B 34 -28.48 11.53 24.81
N LEU B 35 -27.82 10.46 25.26
CA LEU B 35 -26.65 9.91 24.56
C LEU B 35 -27.00 8.56 23.96
N ASP B 36 -26.46 8.22 22.79
CA ASP B 36 -26.73 6.90 22.24
C ASP B 36 -25.99 5.86 23.09
N PRO B 37 -26.44 4.60 23.05
CA PRO B 37 -25.87 3.53 23.89
C PRO B 37 -24.35 3.44 23.85
N ILE B 38 -23.80 3.29 22.65
CA ILE B 38 -22.36 3.14 22.47
C ILE B 38 -21.58 4.28 23.16
N THR B 39 -22.12 5.49 23.06
CA THR B 39 -21.46 6.65 23.64
C THR B 39 -21.70 6.77 25.15
N GLN B 40 -22.86 6.32 25.63
CA GLN B 40 -23.09 6.27 27.08
C GLN B 40 -22.15 5.28 27.73
N ALA B 41 -21.97 4.13 27.09
CA ALA B 41 -21.10 3.08 27.61
C ALA B 41 -19.68 3.61 27.75
N TYR B 42 -19.21 4.32 26.73
CA TYR B 42 -17.88 4.89 26.77
C TYR B 42 -17.80 5.92 27.89
N ALA B 43 -18.79 6.80 27.98
CA ALA B 43 -18.77 7.85 28.98
C ALA B 43 -18.76 7.26 30.40
N ASP B 44 -19.42 6.12 30.54
CA ASP B 44 -19.47 5.40 31.82
C ASP B 44 -18.12 4.80 32.19
N ALA B 45 -17.46 4.18 31.22
CA ALA B 45 -16.14 3.59 31.46
C ALA B 45 -15.10 4.63 31.88
N ILE B 46 -15.06 5.76 31.17
CA ILE B 46 -14.05 6.79 31.42
C ILE B 46 -14.43 7.69 32.59
N SER B 47 -15.61 7.45 33.17
CA SER B 47 -16.11 8.32 34.24
C SER B 47 -15.24 8.29 35.49
N SER B 48 -14.44 7.25 35.65
CA SER B 48 -13.53 7.10 36.78
C SER B 48 -12.09 7.49 36.45
N ARG B 49 -11.65 7.17 35.24
CA ARG B 49 -10.34 7.58 34.73
C ARG B 49 -10.10 9.08 34.97
N PRO B 50 -8.94 9.42 35.58
CA PRO B 50 -8.61 10.82 35.90
C PRO B 50 -8.15 11.59 34.66
N SER B 51 -8.42 12.89 34.59
CA SER B 51 -8.09 13.64 33.39
C SER B 51 -6.58 13.59 33.16
N LEU B 52 -6.20 13.21 31.95
CA LEU B 52 -4.79 13.18 31.59
C LEU B 52 -4.23 14.59 31.54
N PHE B 53 -5.11 15.59 31.60
CA PHE B 53 -4.69 16.97 31.45
C PHE B 53 -4.42 17.63 32.80
N ALA B 54 -3.58 16.98 33.59
CA ALA B 54 -3.03 17.53 34.82
C ALA B 54 -1.52 17.25 34.85
N PHE B 55 -0.80 17.99 35.71
CA PHE B 55 0.63 17.77 35.88
C PHE B 55 0.90 16.54 36.76
N PRO B 56 1.94 15.76 36.42
CA PRO B 56 2.91 16.03 35.34
C PRO B 56 2.56 15.35 34.02
N LEU B 57 2.84 16.02 32.90
CA LEU B 57 2.54 15.47 31.60
C LEU B 57 3.47 14.30 31.24
N PRO B 58 2.90 13.22 30.66
CA PRO B 58 3.72 12.08 30.23
C PRO B 58 4.73 12.54 29.18
N GLU B 59 5.87 11.88 29.12
CA GLU B 59 6.84 12.26 28.10
C GLU B 59 6.37 11.76 26.74
N ILE B 60 5.66 10.63 26.73
CA ILE B 60 5.01 10.12 25.53
C ILE B 60 3.63 10.75 25.40
N ARG B 61 3.33 11.32 24.25
CA ARG B 61 2.08 12.04 24.08
C ARG B 61 1.24 11.47 22.95
N ASP B 62 1.73 10.40 22.35
CA ASP B 62 1.07 9.78 21.23
C ASP B 62 1.19 8.28 21.37
N GLY B 63 0.14 7.55 20.99
CA GLY B 63 0.20 6.10 21.02
C GLY B 63 -1.05 5.51 20.41
N TYR B 64 -0.95 4.28 19.90
CA TYR B 64 -2.12 3.59 19.35
C TYR B 64 -3.20 3.37 20.43
N GLN B 65 -4.46 3.56 20.06
CA GLN B 65 -5.59 3.30 20.95
C GLN B 65 -5.84 1.80 21.11
N SER B 66 -5.32 1.01 20.18
CA SER B 66 -5.41 -0.44 20.25
C SER B 66 -4.34 -1.10 19.39
N ASN B 67 -3.66 -2.10 19.95
CA ASN B 67 -2.56 -2.78 19.28
C ASN B 67 -3.02 -3.60 18.06
N VAL B 68 -4.29 -3.99 18.07
CA VAL B 68 -4.92 -4.65 16.92
C VAL B 68 -5.63 -3.62 16.04
N SER B 69 -5.34 -3.66 14.74
CA SER B 69 -6.01 -2.76 13.80
C SER B 69 -6.12 -3.35 12.39
N ASP B 70 -7.19 -2.93 11.72
CA ASP B 70 -7.61 -3.47 10.43
C ASP B 70 -6.74 -2.91 9.30
N PRO B 71 -6.15 -3.80 8.48
CA PRO B 71 -5.49 -3.48 7.19
C PRO B 71 -6.53 -2.94 6.20
N SER B 72 -7.00 -3.82 5.31
CA SER B 72 -8.01 -3.47 4.31
C SER B 72 -7.69 -2.18 3.58
N THR B 73 -7.92 -1.04 4.24
CA THR B 73 -7.45 0.21 3.68
C THR B 73 -5.94 0.25 3.74
N GLU B 74 -5.34 0.00 2.59
CA GLU B 74 -3.90 0.05 2.47
C GLU B 74 -3.46 1.44 2.01
N PHE B 75 -2.48 2.00 2.69
CA PHE B 75 -1.85 3.23 2.22
C PHE B 75 -0.35 3.21 2.51
N THR B 76 0.42 3.89 1.68
CA THR B 76 1.85 4.00 1.87
C THR B 76 2.12 5.13 2.85
N THR B 77 3.18 4.98 3.65
CA THR B 77 3.61 6.07 4.52
C THR B 77 5.00 6.55 4.15
N LYS B 78 5.15 7.87 4.03
CA LYS B 78 6.46 8.49 3.99
C LYS B 78 6.64 9.40 5.19
N ILE B 79 7.74 9.18 5.92
CA ILE B 79 8.08 10.01 7.06
C ILE B 79 8.92 11.19 6.61
N LEU B 80 8.47 12.39 6.97
CA LEU B 80 9.06 13.61 6.45
C LEU B 80 9.59 14.49 7.57
N SER B 81 10.84 14.90 7.42
CA SER B 81 11.38 15.99 8.22
C SER B 81 11.52 17.19 7.31
N LEU B 82 10.74 18.21 7.59
CA LEU B 82 10.73 19.38 6.76
C LEU B 82 11.51 20.48 7.46
N PRO B 83 12.54 21.02 6.79
CA PRO B 83 13.38 22.08 7.36
C PRO B 83 12.72 23.44 7.23
N VAL B 84 11.58 23.60 7.88
CA VAL B 84 10.83 24.83 7.78
C VAL B 84 10.14 25.13 9.11
N GLY B 85 9.53 26.30 9.19
CA GLY B 85 8.83 26.70 10.40
C GLY B 85 9.75 27.35 11.41
N PRO B 86 9.17 27.94 12.46
CA PRO B 86 9.98 28.72 13.41
C PRO B 86 10.95 27.90 14.26
N THR B 87 10.85 26.57 14.30
CA THR B 87 11.85 25.81 15.06
C THR B 87 12.93 25.17 14.17
N GLY B 88 12.79 25.36 12.86
CA GLY B 88 13.74 24.81 11.91
C GLY B 88 13.40 23.42 11.42
N ASN B 89 12.46 22.76 12.09
CA ASN B 89 11.96 21.46 11.66
C ASN B 89 10.48 21.25 11.97
N VAL B 90 9.75 20.71 11.01
CA VAL B 90 8.40 20.18 11.25
C VAL B 90 8.39 18.74 10.76
N THR B 91 7.95 17.84 11.63
CA THR B 91 7.77 16.45 11.24
C THR B 91 6.38 16.28 10.63
N ALA B 92 6.33 15.63 9.47
CA ALA B 92 5.05 15.37 8.81
C ALA B 92 4.99 13.97 8.21
N TYR B 93 3.79 13.42 8.05
CA TYR B 93 3.61 12.11 7.45
C TYR B 93 2.75 12.20 6.19
N LEU B 94 3.26 11.75 5.05
CA LEU B 94 2.45 11.67 3.84
C LEU B 94 1.88 10.26 3.64
N TYR B 95 0.59 10.11 3.88
CA TYR B 95 -0.09 8.85 3.63
C TYR B 95 -0.78 8.89 2.25
N LYS B 96 -0.43 7.94 1.39
CA LYS B 96 -1.03 7.82 0.06
C LYS B 96 -1.71 6.47 -0.16
N PRO B 97 -2.96 6.50 -0.60
CA PRO B 97 -3.66 5.25 -0.88
C PRO B 97 -2.99 4.49 -2.03
N VAL B 98 -2.99 3.16 -1.96
CA VAL B 98 -2.32 2.35 -2.97
C VAL B 98 -3.02 2.42 -4.33
N SER B 99 -2.22 2.37 -5.39
CA SER B 99 -2.71 2.49 -6.76
C SER B 99 -3.31 1.17 -7.26
N ASP B 107 -3.15 11.23 -12.27
CA ASP B 107 -2.23 10.35 -11.55
C ASP B 107 -1.56 11.04 -10.36
N LEU B 108 -1.77 12.35 -10.23
CA LEU B 108 -1.45 13.03 -8.98
C LEU B 108 -2.66 12.92 -8.06
N LEU B 109 -2.45 12.42 -6.85
CA LEU B 109 -3.53 12.29 -5.89
C LEU B 109 -3.92 13.65 -5.33
N PRO B 110 -5.22 13.81 -5.04
CA PRO B 110 -5.60 14.97 -4.24
C PRO B 110 -4.99 14.78 -2.87
N VAL B 111 -4.92 15.83 -2.06
CA VAL B 111 -4.27 15.69 -0.77
C VAL B 111 -4.95 16.54 0.29
N ILE B 112 -5.08 15.97 1.48
CA ILE B 112 -5.66 16.62 2.63
C ILE B 112 -4.61 16.94 3.68
N ALA B 113 -4.44 18.22 3.99
CA ALA B 113 -3.62 18.61 5.13
C ALA B 113 -4.46 18.43 6.37
N TYR B 114 -4.08 17.47 7.21
CA TYR B 114 -4.83 17.26 8.45
C TYR B 114 -4.01 17.73 9.65
N PHE B 115 -4.67 18.51 10.50
CA PHE B 115 -4.08 19.04 11.70
C PHE B 115 -4.82 18.43 12.87
N HIS B 116 -4.18 17.48 13.56
CA HIS B 116 -4.85 16.67 14.58
C HIS B 116 -5.23 17.46 15.84
N GLY B 117 -6.08 16.87 16.67
CA GLY B 117 -6.51 17.53 17.90
C GLY B 117 -5.89 16.89 19.13
N GLY B 118 -6.40 17.24 20.31
CA GLY B 118 -5.79 16.76 21.53
C GLY B 118 -5.26 17.91 22.37
N GLY B 119 -5.99 19.03 22.36
CA GLY B 119 -5.68 20.17 23.21
C GLY B 119 -4.34 20.89 23.04
N TRP B 120 -3.65 20.61 21.92
CA TRP B 120 -2.27 21.05 21.65
C TRP B 120 -1.23 20.33 22.50
N VAL B 121 -1.70 19.48 23.41
CA VAL B 121 -0.84 18.79 24.36
C VAL B 121 -0.59 17.34 23.96
N PHE B 122 -1.63 16.68 23.41
CA PHE B 122 -1.54 15.28 23.01
C PHE B 122 -1.84 15.07 21.53
N GLY B 123 -1.66 13.83 21.05
CA GLY B 123 -1.99 13.49 19.69
C GLY B 123 -0.78 13.26 18.82
N GLY B 124 -1.00 12.63 17.68
CA GLY B 124 0.06 12.33 16.74
C GLY B 124 -0.38 11.23 15.80
N PRO B 125 0.50 10.81 14.89
CA PRO B 125 0.15 9.84 13.85
C PRO B 125 -0.49 8.55 14.38
N LYS B 126 -0.17 8.17 15.62
CA LYS B 126 -0.68 6.90 16.16
C LYS B 126 -2.06 7.03 16.82
N SER B 127 -2.28 8.11 17.55
CA SER B 127 -3.56 8.32 18.20
C SER B 127 -4.63 8.42 17.11
N TYR B 128 -4.23 8.99 15.98
CA TYR B 128 -5.15 9.38 14.92
C TYR B 128 -5.18 8.40 13.75
N ARG B 129 -4.62 7.21 13.92
CA ARG B 129 -4.55 6.23 12.84
C ARG B 129 -5.94 5.87 12.33
N GLY B 130 -6.88 5.70 13.25
CA GLY B 130 -8.26 5.40 12.90
C GLY B 130 -8.88 6.42 11.97
N LEU B 131 -8.90 7.68 12.40
CA LEU B 131 -9.49 8.74 11.59
C LEU B 131 -8.76 8.89 10.24
N ILE B 132 -7.44 8.88 10.25
CA ILE B 132 -6.69 9.03 9.01
C ILE B 132 -7.04 7.90 8.03
N THR B 133 -7.14 6.69 8.55
CA THR B 133 -7.47 5.52 7.74
C THR B 133 -8.87 5.64 7.18
N ASN B 134 -9.81 6.12 7.99
CA ASN B 134 -11.15 6.41 7.48
C ASN B 134 -11.09 7.43 6.34
N LEU B 135 -10.45 8.58 6.60
CA LEU B 135 -10.33 9.64 5.61
C LEU B 135 -9.81 9.11 4.27
N ILE B 136 -8.76 8.29 4.33
CA ILE B 136 -8.16 7.75 3.12
C ILE B 136 -9.13 6.80 2.41
N ARG B 137 -9.78 5.94 3.17
CA ARG B 137 -10.70 4.97 2.58
C ARG B 137 -11.81 5.72 1.85
N GLU B 138 -12.38 6.71 2.53
CA GLU B 138 -13.60 7.37 2.05
C GLU B 138 -13.34 8.42 0.97
N SER B 139 -12.21 9.13 1.07
CA SER B 139 -11.92 10.25 0.18
C SER B 139 -11.13 9.83 -1.03
N GLY B 140 -10.30 8.80 -0.87
CA GLY B 140 -9.38 8.38 -1.91
C GLY B 140 -8.23 9.36 -2.12
N ALA B 141 -8.08 10.32 -1.21
CA ALA B 141 -7.03 11.34 -1.28
C ALA B 141 -5.87 10.93 -0.40
N ALA B 142 -4.69 11.40 -0.76
CA ALA B 142 -3.57 11.37 0.19
C ALA B 142 -3.87 12.21 1.44
N VAL B 143 -3.35 11.80 2.57
CA VAL B 143 -3.39 12.65 3.74
C VAL B 143 -1.99 13.12 4.14
N PHE B 144 -1.80 14.42 4.21
CA PHE B 144 -0.55 15.03 4.67
C PHE B 144 -0.76 15.44 6.12
N PHE B 145 -0.28 14.59 7.03
CA PHE B 145 -0.55 14.75 8.46
C PHE B 145 0.62 15.48 9.09
N VAL B 146 0.35 16.65 9.66
CA VAL B 146 1.38 17.50 10.26
C VAL B 146 1.54 17.21 11.73
N ASP B 147 2.65 16.56 12.08
CA ASP B 147 2.93 16.19 13.46
C ASP B 147 3.63 17.32 14.22
N TYR B 148 2.91 18.43 14.39
CA TYR B 148 3.46 19.62 15.03
C TYR B 148 3.88 19.40 16.48
N THR B 149 4.63 20.36 17.00
CA THR B 149 5.22 20.26 18.33
C THR B 149 4.20 20.58 19.43
N LEU B 150 4.19 19.76 20.47
CA LEU B 150 3.16 19.81 21.49
C LEU B 150 3.56 20.74 22.63
N THR B 151 2.58 21.39 23.24
CA THR B 151 2.82 22.24 24.40
C THR B 151 3.27 21.38 25.58
N PRO B 152 4.08 21.95 26.51
CA PRO B 152 4.58 23.33 26.57
C PRO B 152 5.97 23.58 25.96
N LYS B 153 6.58 22.55 25.39
CA LYS B 153 7.83 22.69 24.64
C LYS B 153 7.78 23.92 23.71
N VAL B 154 6.61 24.19 23.15
CA VAL B 154 6.33 25.42 22.45
C VAL B 154 4.97 25.95 22.90
N ALA B 155 4.62 27.13 22.38
CA ALA B 155 3.34 27.76 22.65
C ALA B 155 2.90 28.56 21.43
N TYR B 156 1.65 29.01 21.45
CA TYR B 156 1.16 29.94 20.45
C TYR B 156 2.22 31.03 20.20
N PRO B 157 2.50 31.36 18.92
CA PRO B 157 1.92 30.81 17.69
C PRO B 157 2.78 29.74 16.99
N VAL B 158 3.67 29.09 17.73
CA VAL B 158 4.60 28.16 17.10
C VAL B 158 3.90 27.00 16.35
N PRO B 159 2.92 26.32 16.99
CA PRO B 159 2.30 25.24 16.22
C PRO B 159 1.55 25.78 15.00
N ASN B 160 0.85 26.90 15.17
CA ASN B 160 0.20 27.56 14.03
C ASN B 160 1.18 27.77 12.88
N GLU B 161 2.32 28.38 13.17
CA GLU B 161 3.27 28.73 12.11
C GLU B 161 3.92 27.47 11.54
N GLN B 162 4.16 26.47 12.39
CA GLN B 162 4.65 25.18 11.91
C GLN B 162 3.66 24.57 10.91
N CYS B 163 2.38 24.57 11.26
CA CYS B 163 1.37 23.99 10.38
C CYS B 163 1.34 24.74 9.07
N TYR B 164 1.34 26.07 9.16
CA TYR B 164 1.37 26.91 7.98
C TYR B 164 2.60 26.65 7.13
N ALA B 165 3.77 26.73 7.75
CA ALA B 165 5.01 26.44 7.02
C ALA B 165 4.95 25.06 6.32
N ALA B 166 4.41 24.07 7.01
CA ALA B 166 4.34 22.72 6.44
C ALA B 166 3.48 22.74 5.15
N VAL B 167 2.41 23.53 5.15
CA VAL B 167 1.60 23.68 3.96
C VAL B 167 2.37 24.35 2.81
N GLN B 168 3.16 25.39 3.13
CA GLN B 168 3.94 26.07 2.10
C GLN B 168 4.90 25.08 1.43
N TRP B 169 5.55 24.27 2.26
CA TRP B 169 6.41 23.20 1.78
C TRP B 169 5.69 22.23 0.83
N LEU B 170 4.52 21.74 1.25
CA LEU B 170 3.72 20.85 0.43
C LEU B 170 3.42 21.50 -0.93
N LEU B 171 3.07 22.78 -0.91
CA LEU B 171 2.81 23.50 -2.16
C LEU B 171 3.98 23.37 -3.11
N GLU B 172 5.20 23.49 -2.58
CA GLU B 172 6.36 23.52 -3.47
C GLU B 172 6.88 22.11 -3.85
N HIS B 173 6.74 21.16 -2.93
CA HIS B 173 7.38 19.85 -3.09
C HIS B 173 6.42 18.69 -3.30
N GLY B 174 5.12 18.97 -3.25
CA GLY B 174 4.11 17.91 -3.25
C GLY B 174 3.99 17.13 -4.55
N GLU B 175 4.00 17.84 -5.66
CA GLU B 175 3.88 17.24 -6.99
C GLU B 175 4.88 16.09 -7.20
N LYS B 176 6.09 16.24 -6.69
CA LYS B 176 7.10 15.20 -6.88
C LYS B 176 6.92 14.04 -5.89
N LEU B 177 6.06 14.23 -4.90
CA LEU B 177 5.64 13.13 -4.02
C LEU B 177 4.37 12.46 -4.52
N GLY B 178 3.87 12.90 -5.66
CA GLY B 178 2.73 12.24 -6.29
C GLY B 178 1.39 12.79 -5.89
N VAL B 179 1.36 13.98 -5.32
CA VAL B 179 0.10 14.63 -4.99
C VAL B 179 0.00 15.95 -5.74
N ASP B 180 -1.20 16.45 -5.89
CA ASP B 180 -1.42 17.77 -6.48
C ASP B 180 -1.77 18.74 -5.38
N PRO B 181 -0.81 19.61 -5.01
CA PRO B 181 -1.00 20.60 -3.95
C PRO B 181 -2.03 21.68 -4.32
N THR B 182 -2.35 21.79 -5.59
CA THR B 182 -3.34 22.78 -6.03
C THR B 182 -4.72 22.19 -5.83
N ASN B 183 -4.72 20.90 -5.56
CA ASN B 183 -5.93 20.15 -5.30
C ASN B 183 -5.96 19.68 -3.84
N MET B 184 -6.13 20.61 -2.92
CA MET B 184 -5.84 20.36 -1.49
C MET B 184 -7.04 20.58 -0.57
N GLY B 185 -7.19 19.72 0.43
CA GLY B 185 -8.12 19.98 1.51
C GLY B 185 -7.44 20.32 2.83
N PHE B 186 -8.19 20.95 3.74
CA PHE B 186 -7.77 21.12 5.14
C PHE B 186 -8.77 20.40 6.04
N GLY B 187 -8.27 19.62 6.99
CA GLY B 187 -9.13 18.99 7.98
C GLY B 187 -8.46 19.14 9.33
N GLY B 188 -9.26 19.31 10.39
CA GLY B 188 -8.73 19.44 11.72
C GLY B 188 -9.83 19.35 12.75
N ASP B 189 -9.52 18.77 13.89
CA ASP B 189 -10.51 18.58 14.95
C ASP B 189 -10.06 19.25 16.25
N ALA B 191 -8.37 21.41 18.61
CA ALA B 191 -7.17 22.23 18.51
C ALA B 191 -6.74 22.30 17.05
N GLY B 192 -6.79 21.14 16.41
CA GLY B 192 -6.50 21.02 15.00
C GLY B 192 -7.47 21.79 14.16
N GLY B 193 -8.68 22.02 14.68
CA GLY B 193 -9.63 22.87 14.01
C GLY B 193 -9.25 24.33 14.12
N GLU B 194 -8.70 24.68 15.28
CA GLU B 194 -8.12 26.00 15.47
C GLU B 194 -6.94 26.16 14.53
N LEU B 195 -6.07 25.14 14.46
CA LEU B 195 -4.93 25.21 13.56
C LEU B 195 -5.35 25.35 12.09
N SER B 196 -6.39 24.62 11.68
CA SER B 196 -6.82 24.63 10.29
C SER B 196 -7.32 26.01 9.89
N SER B 197 -8.26 26.56 10.66
CA SER B 197 -8.76 27.90 10.35
C SER B 197 -7.66 28.96 10.55
N SER B 198 -6.67 28.66 11.41
CA SER B 198 -5.55 29.57 11.60
C SER B 198 -4.70 29.60 10.34
N VAL B 199 -4.37 28.43 9.82
CA VAL B 199 -3.60 28.35 8.58
C VAL B 199 -4.36 29.00 7.42
N SER B 200 -5.68 28.77 7.38
CA SER B 200 -6.50 29.43 6.37
C SER B 200 -6.41 30.94 6.53
N LEU B 201 -6.50 31.43 7.77
CA LEU B 201 -6.39 32.87 8.02
C LEU B 201 -5.00 33.40 7.58
N LEU B 202 -3.93 32.80 8.09
CA LEU B 202 -2.56 33.15 7.67
C LEU B 202 -2.36 33.14 6.15
N SER B 203 -2.97 32.18 5.46
CA SER B 203 -2.86 32.11 4.00
C SER B 203 -3.50 33.33 3.39
N ILE B 204 -4.58 33.80 4.01
CA ILE B 204 -5.30 34.96 3.50
C ILE B 204 -4.48 36.22 3.71
N LYS B 205 -4.02 36.42 4.95
CA LYS B 205 -3.16 37.55 5.30
C LYS B 205 -1.91 37.62 4.42
N ARG B 206 -1.32 36.47 4.12
CA ARG B 206 -0.03 36.44 3.42
C ARG B 206 -0.21 36.13 1.95
N LYS B 207 -1.46 36.04 1.52
CA LYS B 207 -1.76 35.80 0.11
C LYS B 207 -1.10 34.55 -0.42
N THR B 208 -1.11 33.46 0.34
CA THR B 208 -0.66 32.18 -0.20
C THR B 208 -1.85 31.25 -0.40
N PRO B 209 -1.72 30.26 -1.31
CA PRO B 209 -2.89 29.49 -1.76
C PRO B 209 -3.68 28.83 -0.64
N LEU B 210 -4.98 29.10 -0.69
CA LEU B 210 -6.00 28.45 0.12
C LEU B 210 -6.29 27.02 -0.39
N PRO B 211 -6.83 26.16 0.48
CA PRO B 211 -7.35 24.87 0.00
C PRO B 211 -8.72 25.02 -0.68
N LYS B 212 -9.10 24.07 -1.53
CA LYS B 212 -10.44 24.08 -2.13
C LYS B 212 -11.52 23.86 -1.10
N PHE B 213 -11.21 23.02 -0.11
CA PHE B 213 -12.22 22.59 0.84
C PHE B 213 -11.65 22.46 2.25
N GLN B 214 -12.38 22.93 3.25
CA GLN B 214 -11.94 22.79 4.63
C GLN B 214 -12.99 22.12 5.53
N VAL B 215 -12.55 21.18 6.36
CA VAL B 215 -13.42 20.54 7.34
C VAL B 215 -13.00 20.81 8.78
N LEU B 216 -13.85 21.48 9.55
CA LEU B 216 -13.58 21.70 10.97
C LEU B 216 -14.46 20.81 11.85
N ILE B 217 -13.84 19.89 12.59
CA ILE B 217 -14.52 18.97 13.48
C ILE B 217 -14.40 19.47 14.92
N TYR B 218 -15.51 19.77 15.60
CA TYR B 218 -15.50 20.44 16.92
C TYR B 218 -14.45 21.54 17.02
N PRO B 219 -14.33 22.44 16.04
CA PRO B 219 -13.19 23.35 16.16
C PRO B 219 -13.20 24.23 17.43
N ALA B 220 -12.03 24.40 18.05
CA ALA B 220 -11.80 25.57 18.91
C ALA B 220 -11.65 26.76 17.97
N THR B 221 -12.43 27.81 18.14
CA THR B 221 -12.34 28.93 17.21
C THR B 221 -12.25 30.28 17.93
N ASP B 222 -12.56 30.27 19.23
CA ASP B 222 -12.45 31.49 20.03
C ASP B 222 -12.01 31.13 21.42
N LEU B 223 -10.72 31.38 21.70
CA LEU B 223 -10.12 30.96 22.96
C LEU B 223 -10.31 31.98 24.09
N ALA B 224 -10.79 33.17 23.75
CA ALA B 224 -10.95 34.25 24.74
C ALA B 224 -12.23 34.08 25.57
N CYS B 225 -13.32 33.65 24.92
CA CYS B 225 -14.63 33.61 25.58
C CYS B 225 -15.04 32.24 26.06
N GLU B 226 -15.85 32.24 27.11
CA GLU B 226 -16.60 31.05 27.49
C GLU B 226 -17.95 31.16 26.80
N SER B 227 -18.23 30.18 25.95
CA SER B 227 -19.47 30.15 25.17
C SER B 227 -20.62 29.57 25.97
N ALA B 228 -21.85 29.81 25.52
CA ALA B 228 -23.05 29.31 26.19
C ALA B 228 -22.95 27.83 26.56
N THR B 229 -22.30 27.03 25.71
CA THR B 229 -22.22 25.60 25.95
C THR B 229 -21.11 25.24 26.93
N PHE B 230 -20.24 26.21 27.24
CA PHE B 230 -19.26 26.04 28.32
C PHE B 230 -19.99 25.82 29.65
N LYS B 231 -21.00 26.63 29.90
CA LYS B 231 -21.78 26.54 31.12
C LYS B 231 -22.66 25.29 31.10
N GLU B 232 -23.11 24.91 29.91
CA GLU B 232 -24.05 23.80 29.75
C GLU B 232 -23.41 22.42 29.94
N PHE B 233 -22.10 22.30 29.73
CA PHE B 233 -21.46 20.98 29.87
C PHE B 233 -20.13 20.99 30.64
N PRO B 234 -20.09 21.65 31.82
CA PRO B 234 -18.82 21.94 32.50
C PRO B 234 -18.06 20.67 32.86
N ASN B 235 -18.76 19.54 32.84
CA ASN B 235 -18.13 18.24 33.01
C ASN B 235 -18.60 17.27 31.95
N GLY B 236 -19.54 17.73 31.12
CA GLY B 236 -20.27 16.91 30.15
C GLY B 236 -19.37 15.92 29.47
N PRO B 237 -19.64 14.63 29.66
CA PRO B 237 -18.66 13.54 29.48
C PRO B 237 -17.83 13.69 28.22
N GLY B 238 -16.57 13.26 28.26
CA GLY B 238 -15.70 13.35 27.10
C GLY B 238 -14.83 14.59 27.02
N LEU B 239 -15.21 15.66 27.72
CA LEU B 239 -14.39 16.84 27.78
C LEU B 239 -14.88 17.77 28.89
N THR B 240 -14.06 17.92 29.94
CA THR B 240 -14.44 18.80 31.04
C THR B 240 -13.97 20.23 30.78
N THR B 241 -14.61 21.17 31.44
CA THR B 241 -14.29 22.56 31.26
C THR B 241 -12.97 22.91 31.96
N ASP B 242 -12.51 22.01 32.84
CA ASP B 242 -11.22 22.19 33.50
C ASP B 242 -10.10 21.78 32.57
N GLU B 243 -10.37 20.77 31.75
CA GLU B 243 -9.42 20.30 30.75
C GLU B 243 -9.22 21.36 29.68
N ILE B 244 -10.28 22.09 29.37
CA ILE B 244 -10.17 23.18 28.40
C ILE B 244 -9.29 24.31 28.92
N ARG B 245 -9.49 24.66 30.20
CA ARG B 245 -8.69 25.71 30.84
C ARG B 245 -7.21 25.33 30.91
N PHE B 246 -6.93 24.08 31.26
CA PHE B 246 -5.57 23.60 31.41
C PHE B 246 -4.83 23.65 30.09
N ALA B 247 -5.50 23.19 29.03
CA ALA B 247 -4.91 23.18 27.70
C ALA B 247 -4.69 24.59 27.20
N ALA B 248 -5.59 25.50 27.55
CA ALA B 248 -5.48 26.90 27.14
C ALA B 248 -4.28 27.61 27.76
N SER B 249 -4.01 27.32 29.02
CA SER B 249 -2.90 27.93 29.73
C SER B 249 -1.54 27.43 29.22
N LEU B 250 -1.51 26.20 28.71
CA LEU B 250 -0.27 25.64 28.15
C LEU B 250 0.01 26.16 26.73
N PHE B 251 -1.04 26.43 25.95
CA PHE B 251 -0.93 26.87 24.56
C PHE B 251 -0.90 28.41 24.48
N THR B 252 -1.69 29.02 25.35
CA THR B 252 -1.68 30.47 25.45
C THR B 252 -1.48 30.90 26.91
N PRO B 253 -0.23 30.81 27.41
CA PRO B 253 0.06 31.22 28.79
C PRO B 253 -0.18 32.71 29.00
N ASP B 254 -0.10 33.48 27.92
CA ASP B 254 -0.49 34.88 27.93
C ASP B 254 -1.93 35.00 27.43
N PRO B 255 -2.85 35.32 28.36
CA PRO B 255 -4.27 35.40 28.02
C PRO B 255 -4.57 36.39 26.91
N LYS B 256 -3.79 37.45 26.79
CA LYS B 256 -4.06 38.45 25.77
C LYS B 256 -3.85 37.90 24.35
N SER B 257 -3.16 36.76 24.26
CA SER B 257 -2.91 36.12 22.97
C SER B 257 -4.23 35.64 22.38
N ARG B 258 -5.10 35.18 23.26
CA ARG B 258 -6.37 34.60 22.87
C ARG B 258 -7.27 35.57 22.10
N LEU B 259 -7.10 36.86 22.33
CA LEU B 259 -7.83 37.86 21.54
C LEU B 259 -7.29 38.02 20.11
N GLU B 260 -6.11 37.46 19.83
CA GLU B 260 -5.54 37.60 18.49
C GLU B 260 -6.26 36.67 17.51
N ASP B 261 -6.46 37.14 16.29
CA ASP B 261 -7.27 36.42 15.31
C ASP B 261 -6.56 35.15 14.83
N VAL B 262 -5.23 35.15 14.88
CA VAL B 262 -4.47 33.96 14.51
C VAL B 262 -4.65 32.89 15.57
N ALA B 263 -4.74 33.28 16.83
CA ALA B 263 -5.02 32.29 17.88
C ALA B 263 -6.48 31.88 17.83
N SER B 264 -7.36 32.85 17.62
CA SER B 264 -8.79 32.62 17.64
C SER B 264 -9.42 33.16 16.37
N PRO B 265 -9.47 32.34 15.32
CA PRO B 265 -9.97 32.79 14.02
C PRO B 265 -11.46 33.14 14.07
N GLY B 266 -12.14 32.78 15.15
CA GLY B 266 -13.49 33.25 15.37
C GLY B 266 -13.57 34.77 15.41
N ARG B 267 -12.44 35.40 15.73
CA ARG B 267 -12.37 36.85 15.92
C ARG B 267 -11.75 37.57 14.75
N ALA B 268 -11.48 36.86 13.66
CA ALA B 268 -10.96 37.51 12.47
C ALA B 268 -11.98 38.51 11.94
N SER B 269 -11.55 39.42 11.08
CA SER B 269 -12.45 40.45 10.54
C SER B 269 -13.41 39.89 9.48
N ASP B 270 -14.52 40.59 9.27
CA ASP B 270 -15.45 40.27 8.19
C ASP B 270 -14.73 40.20 6.85
N GLU B 271 -13.90 41.19 6.58
CA GLU B 271 -13.16 41.26 5.32
C GLU B 271 -12.31 39.99 5.08
N ASP B 272 -11.73 39.45 6.16
CA ASP B 272 -10.85 38.29 6.07
C ASP B 272 -11.64 36.97 6.01
N LEU B 273 -12.60 36.81 6.92
CA LEU B 273 -13.38 35.58 6.97
C LEU B 273 -14.15 35.36 5.68
N ALA B 274 -14.56 36.45 5.03
CA ALA B 274 -15.30 36.35 3.79
C ALA B 274 -14.49 35.69 2.69
N LYS B 275 -13.19 35.51 2.92
CA LYS B 275 -12.31 34.88 1.93
C LYS B 275 -11.95 33.45 2.31
N PHE B 276 -12.50 32.96 3.43
CA PHE B 276 -12.29 31.57 3.83
C PHE B 276 -12.75 30.60 2.75
N PRO B 277 -12.04 29.47 2.61
CA PRO B 277 -12.41 28.43 1.64
C PRO B 277 -13.77 27.84 1.97
N GLU B 278 -14.47 27.24 0.99
CA GLU B 278 -15.69 26.51 1.30
C GLU B 278 -15.42 25.56 2.46
N THR B 279 -16.27 25.63 3.48
CA THR B 279 -16.03 24.94 4.73
C THR B 279 -17.23 24.10 5.14
N LEU B 280 -16.93 22.93 5.71
CA LEU B 280 -17.90 22.08 6.36
C LEU B 280 -17.53 21.96 7.83
N ILE B 281 -18.46 22.31 8.70
CA ILE B 281 -18.26 22.23 10.13
C ILE B 281 -19.20 21.18 10.72
N VAL B 282 -18.66 20.27 11.52
CA VAL B 282 -19.42 19.21 12.17
C VAL B 282 -19.18 19.28 13.66
N VAL B 283 -20.24 19.30 14.46
CA VAL B 283 -20.10 19.44 15.90
C VAL B 283 -20.82 18.32 16.64
N ALA B 284 -20.33 18.02 17.84
CA ALA B 284 -20.96 17.03 18.70
C ALA B 284 -21.95 17.75 19.59
N GLU B 285 -23.10 17.14 19.85
CA GLU B 285 -24.16 17.78 20.61
C GLU B 285 -23.74 18.10 22.04
N VAL B 286 -23.26 17.07 22.74
CA VAL B 286 -22.91 17.15 24.16
C VAL B 286 -21.41 17.48 24.28
N ASP B 287 -21.13 18.77 24.33
CA ASP B 287 -19.76 19.24 24.18
C ASP B 287 -19.68 20.70 24.62
N PRO B 288 -18.76 21.02 25.55
CA PRO B 288 -18.61 22.40 26.03
C PRO B 288 -18.30 23.40 24.93
N ILE B 289 -17.61 22.97 23.88
CA ILE B 289 -17.21 23.93 22.86
C ILE B 289 -18.07 23.85 21.61
N ARG B 290 -19.22 23.18 21.72
CA ARG B 290 -20.12 23.05 20.59
C ARG B 290 -20.54 24.39 20.02
N GLN B 291 -20.76 25.37 20.90
CA GLN B 291 -21.21 26.69 20.48
C GLN B 291 -20.19 27.40 19.57
N GLN B 292 -18.91 27.15 19.79
CA GLN B 292 -17.84 27.81 19.06
C GLN B 292 -17.89 27.55 17.56
N GLY B 293 -17.94 26.27 17.19
CA GLY B 293 -18.07 25.84 15.81
C GLY B 293 -19.36 26.31 15.15
N GLU B 294 -20.47 26.24 15.87
CA GLU B 294 -21.74 26.74 15.36
C GLU B 294 -21.68 28.26 15.11
N ASP B 295 -21.13 29.00 16.07
CA ASP B 295 -20.97 30.46 15.91
C ASP B 295 -20.10 30.79 14.70
N PHE B 296 -19.03 30.03 14.52
CA PHE B 296 -18.10 30.26 13.42
C PHE B 296 -18.80 29.99 12.10
N GLY B 297 -19.53 28.89 12.03
CA GLY B 297 -20.27 28.54 10.83
C GLY B 297 -21.25 29.62 10.39
N ARG B 298 -22.04 30.15 11.32
CA ARG B 298 -23.03 31.19 11.00
C ARG B 298 -22.34 32.44 10.51
N ARG B 299 -21.22 32.72 11.16
CA ARG B 299 -20.35 33.82 10.80
C ARG B 299 -19.88 33.68 9.35
N LEU B 300 -19.50 32.47 8.94
CA LEU B 300 -19.11 32.25 7.54
C LEU B 300 -20.30 32.41 6.59
N GLN B 301 -21.44 31.86 7.00
CA GLN B 301 -22.64 31.90 6.18
C GLN B 301 -23.06 33.36 5.97
N LYS B 302 -23.11 34.13 7.06
CA LYS B 302 -23.53 35.52 6.94
C LYS B 302 -22.63 36.30 5.98
N LEU B 303 -21.34 35.96 5.96
CA LEU B 303 -20.37 36.71 5.17
C LEU B 303 -20.24 36.18 3.75
N GLY B 304 -20.99 35.13 3.41
CA GLY B 304 -21.06 34.68 2.03
C GLY B 304 -20.14 33.53 1.64
N VAL B 305 -19.50 32.91 2.62
CA VAL B 305 -18.72 31.71 2.37
C VAL B 305 -19.66 30.53 2.33
N ARG B 306 -19.46 29.62 1.36
CA ARG B 306 -20.24 28.39 1.39
C ARG B 306 -19.84 27.58 2.60
N ALA B 307 -20.76 27.48 3.55
CA ALA B 307 -20.48 26.83 4.81
C ALA B 307 -21.63 25.95 5.24
N ALA B 308 -21.36 24.67 5.46
CA ALA B 308 -22.35 23.73 5.94
C ALA B 308 -22.11 23.37 7.40
N ILE B 309 -23.08 23.63 8.26
CA ILE B 309 -22.97 23.26 9.67
C ILE B 309 -23.91 22.13 10.06
N ILE B 310 -23.36 21.09 10.67
CA ILE B 310 -24.13 19.89 11.05
C ILE B 310 -23.91 19.55 12.52
N ARG B 311 -24.99 19.34 13.25
CA ARG B 311 -24.89 18.91 14.64
C ARG B 311 -25.31 17.47 14.81
N VAL B 312 -24.42 16.66 15.39
CA VAL B 312 -24.70 15.26 15.64
C VAL B 312 -25.23 15.06 17.05
N LEU B 313 -26.50 14.68 17.16
CA LEU B 313 -27.15 14.56 18.46
C LEU B 313 -26.78 13.25 19.13
N GLY B 314 -26.74 13.26 20.45
CA GLY B 314 -26.50 12.06 21.22
C GLY B 314 -25.05 11.65 21.34
N THR B 315 -24.14 12.53 20.93
CA THR B 315 -22.73 12.19 21.00
C THR B 315 -21.89 13.31 21.61
N ILE B 316 -20.65 12.97 21.97
CA ILE B 316 -19.75 13.85 22.72
C ILE B 316 -18.48 14.24 21.94
N HIS B 317 -17.79 15.26 22.45
CA HIS B 317 -16.49 15.66 21.94
C HIS B 317 -15.57 14.46 21.78
N GLY B 318 -14.89 14.36 20.63
CA GLY B 318 -13.98 13.26 20.41
C GLY B 318 -14.47 12.12 19.54
N PHE B 319 -15.74 12.14 19.10
CA PHE B 319 -16.27 10.97 18.40
C PHE B 319 -15.55 10.64 17.11
N ALA B 320 -14.88 11.61 16.51
CA ALA B 320 -14.31 11.40 15.19
C ALA B 320 -12.94 10.71 15.27
N SER B 321 -12.28 10.77 16.43
CA SER B 321 -10.96 10.14 16.57
C SER B 321 -10.91 8.96 17.53
N ILE B 322 -11.79 8.96 18.55
CA ILE B 322 -11.85 7.86 19.52
C ILE B 322 -12.50 6.62 18.93
N ASP B 323 -11.70 5.57 18.74
CA ASP B 323 -12.15 4.35 18.05
C ASP B 323 -13.53 3.86 18.55
N VAL B 324 -13.67 3.81 19.87
CA VAL B 324 -14.92 3.39 20.51
C VAL B 324 -16.11 4.19 19.96
N LEU B 325 -16.12 5.50 20.21
CA LEU B 325 -17.19 6.39 19.75
C LEU B 325 -17.40 6.35 18.24
N SER B 326 -16.35 5.96 17.53
CA SER B 326 -16.30 6.06 16.07
C SER B 326 -17.28 5.10 15.37
N GLU B 327 -17.71 4.06 16.07
CA GLU B 327 -18.59 3.08 15.44
C GLU B 327 -20.07 3.29 15.77
N ALA B 328 -20.36 4.27 16.62
CA ALA B 328 -21.75 4.66 16.88
C ALA B 328 -22.37 5.21 15.60
N PRO B 329 -23.70 5.11 15.45
CA PRO B 329 -24.37 5.50 14.19
C PRO B 329 -24.12 6.94 13.71
N GLY B 330 -24.27 7.93 14.59
CA GLY B 330 -24.10 9.32 14.21
C GLY B 330 -22.66 9.64 13.85
N ALA B 331 -21.76 9.21 14.71
CA ALA B 331 -20.33 9.39 14.49
C ALA B 331 -19.92 8.76 13.17
N LYS B 332 -20.32 7.50 12.99
CA LYS B 332 -19.97 6.76 11.79
C LYS B 332 -20.43 7.45 10.51
N ALA B 333 -21.66 7.98 10.53
CA ALA B 333 -22.24 8.61 9.35
C ALA B 333 -21.49 9.90 9.00
N THR B 334 -21.14 10.69 10.01
CA THR B 334 -20.49 11.96 9.74
C THR B 334 -19.00 11.80 9.44
N ILE B 335 -18.36 10.80 10.04
CA ILE B 335 -16.98 10.54 9.64
C ILE B 335 -16.97 10.20 8.15
N GLU B 336 -17.89 9.36 7.69
CA GLU B 336 -17.85 9.05 6.27
C GLU B 336 -18.42 10.20 5.40
N LEU B 337 -19.27 11.05 5.97
CA LEU B 337 -19.68 12.25 5.24
C LEU B 337 -18.49 13.15 4.91
N ILE B 338 -17.63 13.38 5.91
CA ILE B 338 -16.41 14.17 5.76
C ILE B 338 -15.48 13.61 4.68
N GLY B 339 -15.26 12.30 4.70
CA GLY B 339 -14.41 11.68 3.68
C GLY B 339 -15.02 11.73 2.29
N TYR B 340 -16.32 11.45 2.21
CA TYR B 340 -17.08 11.60 0.97
C TYR B 340 -17.02 13.04 0.42
N LYS B 341 -17.18 14.03 1.28
CA LYS B 341 -17.12 15.43 0.84
C LYS B 341 -15.74 15.83 0.32
N PHE B 342 -14.67 15.30 0.91
CA PHE B 342 -13.32 15.52 0.34
C PHE B 342 -13.21 14.88 -1.02
N LYS B 343 -13.83 13.72 -1.20
CA LYS B 343 -13.76 13.06 -2.51
C LYS B 343 -14.47 13.89 -3.56
N LYS B 344 -15.62 14.45 -3.20
CA LYS B 344 -16.39 15.25 -4.14
C LYS B 344 -15.83 16.65 -4.37
N ALA B 345 -15.16 17.24 -3.37
CA ALA B 345 -14.66 18.60 -3.55
C ALA B 345 -13.23 18.66 -4.15
N LEU B 346 -12.42 17.61 -3.95
CA LEU B 346 -11.02 17.67 -4.34
C LEU B 346 -10.75 17.12 -5.74
N HIS B 347 -11.15 17.87 -6.74
CA HIS B 347 -10.89 17.54 -8.13
C HIS B 347 -10.90 18.86 -8.90
N GLN C 34 36.71 -27.55 0.64
CA GLN C 34 36.57 -26.50 -0.37
C GLN C 34 35.35 -26.70 -1.25
N LEU C 35 34.92 -27.95 -1.43
CA LEU C 35 33.71 -28.26 -2.19
C LEU C 35 32.54 -28.52 -1.25
N ASP C 36 31.33 -28.12 -1.62
CA ASP C 36 30.19 -28.37 -0.75
C ASP C 36 29.96 -29.88 -0.69
N PRO C 37 29.29 -30.37 0.36
CA PRO C 37 29.13 -31.82 0.58
C PRO C 37 28.56 -32.58 -0.61
N ILE C 38 27.48 -32.07 -1.21
CA ILE C 38 26.88 -32.75 -2.35
C ILE C 38 27.89 -32.89 -3.50
N THR C 39 28.60 -31.81 -3.83
CA THR C 39 29.61 -31.83 -4.90
C THR C 39 30.79 -32.75 -4.60
N GLN C 40 31.31 -32.70 -3.37
CA GLN C 40 32.41 -33.57 -2.97
C GLN C 40 32.03 -35.05 -3.00
N ALA C 41 30.79 -35.34 -2.64
CA ALA C 41 30.32 -36.72 -2.64
C ALA C 41 30.26 -37.25 -4.07
N TYR C 42 29.84 -36.37 -4.99
CA TYR C 42 29.82 -36.72 -6.40
C TYR C 42 31.24 -36.88 -6.92
N ALA C 43 32.13 -36.00 -6.52
CA ALA C 43 33.52 -36.08 -6.96
C ALA C 43 34.18 -37.39 -6.51
N ASP C 44 33.91 -37.79 -5.27
CA ASP C 44 34.46 -39.05 -4.76
C ASP C 44 33.93 -40.23 -5.57
N ALA C 45 32.64 -40.17 -5.92
CA ALA C 45 31.97 -41.26 -6.63
C ALA C 45 32.59 -41.53 -8.01
N ILE C 46 32.74 -40.49 -8.80
CA ILE C 46 33.27 -40.65 -10.15
C ILE C 46 34.79 -40.57 -10.18
N SER C 47 35.40 -40.55 -9.00
CA SER C 47 36.86 -40.51 -8.91
C SER C 47 37.47 -41.77 -9.54
N SER C 48 36.73 -42.87 -9.44
CA SER C 48 37.15 -44.16 -10.00
C SER C 48 36.81 -44.26 -11.48
N ARG C 49 35.54 -43.99 -11.79
CA ARG C 49 34.97 -43.98 -13.15
C ARG C 49 35.91 -43.35 -14.20
N PRO C 50 36.08 -44.04 -15.36
CA PRO C 50 37.01 -43.56 -16.39
C PRO C 50 36.39 -42.44 -17.22
N SER C 51 37.23 -41.52 -17.70
CA SER C 51 36.74 -40.39 -18.49
C SER C 51 36.03 -40.85 -19.75
N LEU C 52 34.93 -40.19 -20.09
CA LEU C 52 34.20 -40.49 -21.32
C LEU C 52 34.98 -40.05 -22.55
N PHE C 53 35.91 -39.14 -22.33
CA PHE C 53 36.65 -38.55 -23.43
C PHE C 53 37.87 -39.40 -23.75
N ALA C 54 37.57 -40.61 -24.22
CA ALA C 54 38.57 -41.59 -24.63
C ALA C 54 37.96 -42.56 -25.65
N PHE C 55 38.84 -43.16 -26.45
CA PHE C 55 38.44 -44.16 -27.43
C PHE C 55 38.38 -45.55 -26.80
N PRO C 56 37.37 -46.35 -27.17
CA PRO C 56 36.32 -46.01 -28.14
C PRO C 56 35.20 -45.10 -27.61
N LEU C 57 34.82 -44.13 -28.42
CA LEU C 57 33.67 -43.28 -28.16
C LEU C 57 32.40 -44.08 -28.37
N PRO C 58 31.39 -43.89 -27.51
CA PRO C 58 30.16 -44.66 -27.70
C PRO C 58 29.51 -44.30 -29.03
N GLU C 59 28.74 -45.24 -29.58
CA GLU C 59 27.99 -44.99 -30.80
C GLU C 59 26.92 -43.93 -30.50
N ILE C 60 26.36 -44.02 -29.31
CA ILE C 60 25.28 -43.14 -28.88
C ILE C 60 25.87 -42.06 -27.98
N ARG C 61 25.63 -40.79 -28.32
CA ARG C 61 26.33 -39.70 -27.65
C ARG C 61 25.44 -38.90 -26.71
N ASP C 62 24.16 -39.25 -26.67
CA ASP C 62 23.21 -38.56 -25.86
C ASP C 62 22.38 -39.62 -25.16
N GLY C 63 21.90 -39.32 -23.96
CA GLY C 63 21.12 -40.27 -23.19
C GLY C 63 20.62 -39.65 -21.89
N TYR C 64 19.56 -40.22 -21.34
CA TYR C 64 19.02 -39.74 -20.09
C TYR C 64 19.97 -40.02 -18.94
N GLN C 65 20.20 -39.00 -18.10
CA GLN C 65 20.97 -39.17 -16.88
C GLN C 65 20.24 -40.09 -15.90
N SER C 66 18.95 -40.35 -16.19
CA SER C 66 18.08 -41.35 -15.56
C SER C 66 17.27 -40.77 -14.39
N ASN C 67 15.96 -41.04 -14.35
CA ASN C 67 15.26 -41.75 -15.43
C ASN C 67 13.84 -41.20 -15.68
N VAL C 68 13.41 -41.28 -16.94
CA VAL C 68 12.18 -40.65 -17.45
C VAL C 68 11.01 -40.59 -16.46
N SER C 72 7.53 -34.39 -21.63
CA SER C 72 7.28 -33.89 -20.28
C SER C 72 5.79 -33.64 -20.01
N THR C 73 5.53 -33.00 -18.88
CA THR C 73 4.17 -32.58 -18.54
C THR C 73 4.13 -31.06 -18.29
N GLU C 74 5.30 -30.46 -18.10
CA GLU C 74 5.43 -29.01 -17.92
C GLU C 74 5.57 -28.26 -19.24
N PHE C 75 5.88 -28.98 -20.33
CA PHE C 75 6.06 -28.32 -21.64
C PHE C 75 5.82 -29.25 -22.82
N THR C 76 5.47 -28.69 -23.97
CA THR C 76 5.34 -29.46 -25.20
C THR C 76 6.68 -29.57 -25.94
N THR C 77 6.75 -30.55 -26.83
CA THR C 77 7.96 -30.81 -27.58
C THR C 77 7.66 -30.89 -29.07
N LYS C 78 8.32 -30.05 -29.86
CA LYS C 78 8.21 -30.12 -31.31
C LYS C 78 9.58 -30.29 -31.94
N ILE C 79 9.71 -31.35 -32.73
CA ILE C 79 10.96 -31.71 -33.38
C ILE C 79 10.98 -31.06 -34.75
N LEU C 80 12.05 -30.31 -35.03
CA LEU C 80 12.16 -29.56 -36.26
C LEU C 80 13.34 -30.07 -37.07
N SER C 81 13.12 -30.28 -38.37
CA SER C 81 14.18 -30.53 -39.33
C SER C 81 14.36 -29.28 -40.12
N LEU C 82 15.51 -28.65 -39.95
CA LEU C 82 15.75 -27.39 -40.60
C LEU C 82 16.65 -27.62 -41.80
N PRO C 83 16.16 -27.30 -42.99
CA PRO C 83 16.95 -27.52 -44.21
C PRO C 83 18.04 -26.44 -44.39
N VAL C 84 18.91 -26.31 -43.40
CA VAL C 84 19.89 -25.22 -43.37
C VAL C 84 21.28 -25.66 -42.96
N GLY C 85 22.26 -24.80 -43.24
CA GLY C 85 23.62 -25.05 -42.81
C GLY C 85 24.35 -25.93 -43.78
N PRO C 86 25.66 -26.11 -43.56
CA PRO C 86 26.61 -26.81 -44.45
C PRO C 86 26.25 -28.27 -44.69
N THR C 87 25.54 -28.91 -43.76
CA THR C 87 25.17 -30.31 -43.94
C THR C 87 23.81 -30.51 -44.60
N GLY C 88 23.08 -29.43 -44.84
CA GLY C 88 21.73 -29.54 -45.38
C GLY C 88 20.66 -29.74 -44.31
N ASN C 89 21.09 -30.11 -43.11
CA ASN C 89 20.11 -30.30 -42.05
C ASN C 89 20.58 -29.91 -40.66
N VAL C 90 19.69 -29.25 -39.94
CA VAL C 90 19.94 -28.99 -38.55
C VAL C 90 18.71 -29.43 -37.77
N THR C 91 18.87 -30.33 -36.82
CA THR C 91 17.76 -30.74 -35.96
C THR C 91 17.61 -29.79 -34.77
N ALA C 92 16.39 -29.36 -34.50
CA ALA C 92 16.14 -28.54 -33.32
C ALA C 92 14.84 -28.96 -32.62
N TYR C 93 14.82 -28.77 -31.32
CA TYR C 93 13.65 -29.08 -30.54
C TYR C 93 13.06 -27.79 -29.97
N LEU C 94 11.79 -27.52 -30.29
CA LEU C 94 11.09 -26.37 -29.70
C LEU C 94 10.27 -26.84 -28.49
N TYR C 95 10.66 -26.36 -27.32
CA TYR C 95 9.97 -26.68 -26.10
C TYR C 95 9.14 -25.48 -25.69
N LYS C 96 7.83 -25.68 -25.48
CA LYS C 96 6.97 -24.58 -25.06
C LYS C 96 6.27 -24.90 -23.74
N PRO C 97 6.41 -24.01 -22.75
CA PRO C 97 5.80 -24.17 -21.43
C PRO C 97 4.31 -23.92 -21.45
N VAL C 98 3.66 -24.24 -20.33
CA VAL C 98 2.24 -23.94 -20.14
C VAL C 98 2.02 -22.49 -19.68
N ASP C 107 1.20 -12.64 -25.60
CA ASP C 107 0.65 -13.47 -26.67
C ASP C 107 1.67 -14.43 -27.29
N LEU C 108 2.75 -13.88 -27.86
CA LEU C 108 3.83 -14.68 -28.42
C LEU C 108 4.85 -14.98 -27.33
N LEU C 109 5.23 -16.24 -27.18
CA LEU C 109 6.26 -16.59 -26.20
C LEU C 109 7.63 -16.00 -26.54
N PRO C 110 8.33 -15.50 -25.52
CA PRO C 110 9.77 -15.27 -25.64
C PRO C 110 10.46 -16.59 -25.98
N VAL C 111 11.67 -16.56 -26.54
CA VAL C 111 12.33 -17.81 -26.89
C VAL C 111 13.82 -17.78 -26.59
N ILE C 112 14.31 -18.84 -25.94
CA ILE C 112 15.73 -18.98 -25.70
C ILE C 112 16.40 -19.99 -26.63
N ALA C 113 17.30 -19.51 -27.49
CA ALA C 113 18.07 -20.43 -28.32
C ALA C 113 19.16 -21.02 -27.43
N TYR C 114 19.10 -22.33 -27.20
CA TYR C 114 20.05 -22.95 -26.28
C TYR C 114 21.02 -23.89 -27.02
N PHE C 115 22.31 -23.72 -26.71
CA PHE C 115 23.37 -24.52 -27.31
C PHE C 115 24.03 -25.35 -26.24
N HIS C 116 23.79 -26.66 -26.24
CA HIS C 116 24.25 -27.52 -25.15
C HIS C 116 25.76 -27.74 -25.14
N GLY C 117 26.27 -28.16 -23.99
CA GLY C 117 27.68 -28.44 -23.81
C GLY C 117 27.97 -29.92 -23.96
N GLY C 118 29.16 -30.33 -23.51
CA GLY C 118 29.63 -31.70 -23.68
C GLY C 118 30.89 -31.81 -24.55
N GLY C 119 31.75 -30.80 -24.50
CA GLY C 119 33.02 -30.81 -25.23
C GLY C 119 32.90 -31.16 -26.71
N TRP C 120 31.77 -30.79 -27.30
CA TRP C 120 31.47 -30.98 -28.73
C TRP C 120 31.33 -32.45 -29.11
N VAL C 121 31.71 -33.33 -28.21
CA VAL C 121 31.69 -34.77 -28.47
C VAL C 121 30.37 -35.39 -28.01
N PHE C 122 29.85 -34.91 -26.88
CA PHE C 122 28.62 -35.46 -26.31
C PHE C 122 27.48 -34.45 -26.16
N GLY C 123 26.29 -34.98 -25.89
CA GLY C 123 25.15 -34.16 -25.55
C GLY C 123 23.97 -34.23 -26.49
N GLY C 124 22.85 -33.74 -25.98
CA GLY C 124 21.64 -33.62 -26.78
C GLY C 124 20.48 -33.34 -25.87
N PRO C 125 19.26 -33.51 -26.40
CA PRO C 125 18.06 -33.19 -25.61
C PRO C 125 17.92 -34.09 -24.39
N LYS C 126 18.29 -35.36 -24.49
CA LYS C 126 18.13 -36.29 -23.37
C LYS C 126 19.00 -35.92 -22.19
N SER C 127 20.29 -35.78 -22.42
CA SER C 127 21.21 -35.51 -21.33
C SER C 127 20.93 -34.12 -20.76
N TYR C 128 20.34 -33.24 -21.55
CA TYR C 128 20.10 -31.91 -21.06
C TYR C 128 18.66 -31.71 -20.61
N ARG C 129 17.90 -32.79 -20.50
CA ARG C 129 16.50 -32.66 -20.08
C ARG C 129 16.35 -31.89 -18.76
N GLY C 130 17.26 -32.13 -17.82
CA GLY C 130 17.14 -31.48 -16.53
C GLY C 130 17.28 -29.97 -16.63
N LEU C 131 18.39 -29.52 -17.19
CA LEU C 131 18.66 -28.11 -17.28
C LEU C 131 17.56 -27.40 -18.08
N ILE C 132 17.09 -28.04 -19.16
CA ILE C 132 16.08 -27.43 -20.01
C ILE C 132 14.75 -27.28 -19.27
N THR C 133 14.36 -28.33 -18.55
CA THR C 133 13.18 -28.29 -17.71
C THR C 133 13.27 -27.13 -16.71
N ASN C 134 14.43 -27.00 -16.07
CA ASN C 134 14.67 -25.91 -15.16
C ASN C 134 14.54 -24.59 -15.88
N LEU C 135 15.21 -24.45 -17.02
CA LEU C 135 15.23 -23.17 -17.72
C LEU C 135 13.83 -22.76 -18.10
N ILE C 136 13.06 -23.71 -18.62
CA ILE C 136 11.69 -23.42 -19.02
C ILE C 136 10.83 -23.02 -17.82
N ARG C 137 10.96 -23.76 -16.73
CA ARG C 137 10.16 -23.48 -15.55
C ARG C 137 10.50 -22.10 -14.97
N GLU C 138 11.79 -21.84 -14.76
CA GLU C 138 12.23 -20.59 -14.14
C GLU C 138 12.04 -19.36 -15.04
N SER C 139 12.10 -19.54 -16.35
CA SER C 139 12.09 -18.38 -17.25
C SER C 139 10.72 -18.11 -17.85
N GLY C 140 9.90 -19.14 -17.93
CA GLY C 140 8.65 -19.03 -18.66
C GLY C 140 8.83 -18.82 -20.16
N ALA C 141 10.04 -19.03 -20.69
CA ALA C 141 10.24 -18.89 -22.15
C ALA C 141 10.17 -20.23 -22.88
N ALA C 142 9.87 -20.18 -24.17
CA ALA C 142 10.13 -21.34 -25.00
C ALA C 142 11.65 -21.57 -25.07
N VAL C 143 12.06 -22.82 -25.25
CA VAL C 143 13.47 -23.11 -25.52
C VAL C 143 13.59 -23.74 -26.90
N PHE C 144 14.50 -23.18 -27.69
CA PHE C 144 14.80 -23.63 -29.03
C PHE C 144 16.16 -24.28 -28.91
N PHE C 145 16.14 -25.61 -28.85
CA PHE C 145 17.32 -26.41 -28.51
C PHE C 145 17.99 -26.92 -29.77
N VAL C 146 19.17 -26.39 -30.08
CA VAL C 146 19.78 -26.75 -31.35
C VAL C 146 20.58 -28.03 -31.19
N ASP C 147 20.12 -29.09 -31.84
CA ASP C 147 20.81 -30.39 -31.73
C ASP C 147 21.92 -30.55 -32.78
N TYR C 148 22.91 -29.67 -32.74
CA TYR C 148 23.98 -29.63 -33.73
C TYR C 148 24.75 -30.95 -33.81
N THR C 149 25.40 -31.19 -34.95
CA THR C 149 26.09 -32.46 -35.13
C THR C 149 27.35 -32.54 -34.26
N LEU C 150 27.60 -33.70 -33.66
CA LEU C 150 28.73 -33.84 -32.74
C LEU C 150 30.04 -34.18 -33.46
N THR C 151 31.15 -34.10 -32.75
CA THR C 151 32.46 -34.39 -33.32
C THR C 151 32.90 -35.80 -32.96
N PRO C 152 33.77 -36.42 -33.79
CA PRO C 152 34.42 -35.90 -35.00
C PRO C 152 33.65 -36.17 -36.28
N LYS C 153 32.36 -36.49 -36.14
CA LYS C 153 31.52 -36.73 -37.30
C LYS C 153 31.47 -35.48 -38.18
N VAL C 154 31.43 -34.32 -37.52
CA VAL C 154 31.77 -33.06 -38.14
C VAL C 154 32.79 -32.40 -37.24
N ALA C 155 33.25 -31.22 -37.65
CA ALA C 155 34.17 -30.46 -36.83
C ALA C 155 34.06 -28.95 -37.11
N TYR C 156 34.82 -28.15 -36.35
CA TYR C 156 34.85 -26.73 -36.54
C TYR C 156 35.04 -26.42 -38.04
N PRO C 157 34.28 -25.47 -38.59
CA PRO C 157 33.26 -24.61 -37.99
C PRO C 157 31.83 -25.08 -38.18
N VAL C 158 31.63 -26.35 -38.48
CA VAL C 158 30.30 -26.82 -38.85
C VAL C 158 29.24 -26.66 -37.73
N PRO C 159 29.54 -27.09 -36.49
CA PRO C 159 28.57 -26.82 -35.43
C PRO C 159 28.26 -25.32 -35.29
N ASN C 160 29.30 -24.48 -35.37
CA ASN C 160 29.09 -23.03 -35.27
C ASN C 160 28.11 -22.56 -36.31
N GLU C 161 28.35 -22.96 -37.56
CA GLU C 161 27.50 -22.56 -38.68
C GLU C 161 26.13 -23.21 -38.62
N GLN C 162 26.05 -24.43 -38.09
CA GLN C 162 24.74 -25.05 -37.89
C GLN C 162 23.92 -24.21 -36.91
N CYS C 163 24.57 -23.83 -35.80
CA CYS C 163 23.88 -23.07 -34.76
C CYS C 163 23.51 -21.70 -35.31
N TYR C 164 24.39 -21.11 -36.09
CA TYR C 164 24.11 -19.80 -36.67
C TYR C 164 22.91 -19.86 -37.61
N ALA C 165 22.87 -20.88 -38.47
CA ALA C 165 21.82 -20.98 -39.47
C ALA C 165 20.50 -21.33 -38.80
N ALA C 166 20.59 -22.05 -37.68
CA ALA C 166 19.38 -22.41 -36.94
C ALA C 166 18.73 -21.14 -36.42
N VAL C 167 19.55 -20.22 -35.93
CA VAL C 167 19.02 -18.95 -35.44
C VAL C 167 18.41 -18.12 -36.58
N GLN C 168 19.06 -18.07 -37.74
CA GLN C 168 18.46 -17.31 -38.86
C GLN C 168 17.08 -17.87 -39.24
N TRP C 169 16.95 -19.19 -39.22
CA TRP C 169 15.70 -19.85 -39.53
C TRP C 169 14.63 -19.49 -38.51
N LEU C 170 15.01 -19.56 -37.23
CA LEU C 170 14.12 -19.21 -36.14
C LEU C 170 13.64 -17.77 -36.28
N LEU C 171 14.56 -16.88 -36.66
CA LEU C 171 14.22 -15.47 -36.84
C LEU C 171 13.13 -15.32 -37.89
N GLU C 172 13.23 -16.10 -38.96
CA GLU C 172 12.25 -16.01 -40.03
C GLU C 172 10.94 -16.72 -39.69
N HIS C 173 11.03 -17.87 -39.02
CA HIS C 173 9.86 -18.75 -38.92
C HIS C 173 9.28 -18.83 -37.51
N GLY C 174 9.88 -18.09 -36.57
CA GLY C 174 9.48 -18.18 -35.18
C GLY C 174 8.04 -17.82 -34.89
N GLU C 175 7.60 -16.68 -35.39
CA GLU C 175 6.24 -16.19 -35.15
C GLU C 175 5.20 -17.25 -35.54
N LYS C 176 5.43 -17.92 -36.66
CA LYS C 176 4.55 -19.02 -37.08
C LYS C 176 4.56 -20.20 -36.10
N LEU C 177 5.62 -20.31 -35.31
CA LEU C 177 5.71 -21.40 -34.33
C LEU C 177 5.17 -20.96 -32.97
N GLY C 178 4.69 -19.73 -32.88
CA GLY C 178 4.16 -19.21 -31.64
C GLY C 178 5.19 -18.58 -30.70
N VAL C 179 6.35 -18.20 -31.22
CA VAL C 179 7.35 -17.48 -30.41
C VAL C 179 7.74 -16.14 -31.03
N ASP C 180 8.38 -15.28 -30.25
CA ASP C 180 8.78 -13.96 -30.72
C ASP C 180 10.29 -13.87 -30.91
N PRO C 181 10.76 -13.99 -32.17
CA PRO C 181 12.18 -13.91 -32.47
C PRO C 181 12.80 -12.55 -32.14
N THR C 182 11.98 -11.53 -31.92
CA THR C 182 12.50 -10.22 -31.52
C THR C 182 12.62 -10.16 -30.01
N ASN C 183 12.26 -11.26 -29.36
CA ASN C 183 12.39 -11.36 -27.92
C ASN C 183 13.18 -12.62 -27.59
N MET C 184 14.45 -12.63 -27.98
CA MET C 184 15.27 -13.82 -28.03
C MET C 184 16.41 -13.77 -27.06
N GLY C 185 16.67 -14.87 -26.37
CA GLY C 185 17.88 -15.00 -25.58
C GLY C 185 18.75 -16.08 -26.18
N PHE C 186 20.06 -16.02 -25.89
CA PHE C 186 20.99 -17.11 -26.13
C PHE C 186 21.44 -17.67 -24.78
N GLY C 187 21.54 -18.99 -24.66
CA GLY C 187 22.26 -19.59 -23.56
C GLY C 187 23.15 -20.74 -24.03
N GLY C 188 24.28 -20.95 -23.36
CA GLY C 188 25.09 -22.13 -23.62
C GLY C 188 26.06 -22.44 -22.50
N ASP C 189 26.29 -23.72 -22.25
CA ASP C 189 27.28 -24.12 -21.25
C ASP C 189 28.53 -24.75 -21.90
N ALA C 191 31.16 -25.84 -24.18
CA ALA C 191 31.20 -25.86 -25.64
C ALA C 191 30.01 -25.05 -26.17
N GLY C 192 28.87 -25.20 -25.51
CA GLY C 192 27.69 -24.42 -25.84
C GLY C 192 27.90 -22.93 -25.62
N GLY C 193 28.76 -22.57 -24.68
CA GLY C 193 29.11 -21.18 -24.44
C GLY C 193 29.96 -20.62 -25.57
N GLU C 194 30.90 -21.44 -26.03
CA GLU C 194 31.71 -21.15 -27.21
C GLU C 194 30.79 -20.93 -28.40
N LEU C 195 29.82 -21.84 -28.55
CA LEU C 195 28.90 -21.80 -29.69
C LEU C 195 28.01 -20.57 -29.63
N SER C 196 27.43 -20.32 -28.47
CA SER C 196 26.63 -19.11 -28.25
C SER C 196 27.36 -17.81 -28.60
N SER C 197 28.54 -17.61 -28.02
CA SER C 197 29.26 -16.36 -28.27
C SER C 197 29.74 -16.35 -29.73
N SER C 198 30.04 -17.54 -30.27
CA SER C 198 30.38 -17.65 -31.70
C SER C 198 29.20 -17.22 -32.57
N VAL C 199 28.00 -17.66 -32.24
CA VAL C 199 26.84 -17.21 -33.02
C VAL C 199 26.65 -15.70 -32.84
N SER C 200 26.92 -15.21 -31.62
CA SER C 200 26.83 -13.79 -31.38
C SER C 200 27.83 -13.06 -32.26
N LEU C 201 29.07 -13.56 -32.30
CA LEU C 201 30.11 -12.92 -33.11
C LEU C 201 29.76 -12.99 -34.59
N LEU C 202 29.16 -14.09 -35.03
CA LEU C 202 28.84 -14.21 -36.44
C LEU C 202 27.71 -13.25 -36.81
N SER C 203 26.76 -13.05 -35.89
CA SER C 203 25.68 -12.11 -36.13
C SER C 203 26.23 -10.69 -36.34
N ILE C 204 27.25 -10.35 -35.54
CA ILE C 204 27.88 -9.05 -35.65
C ILE C 204 28.65 -8.91 -36.97
N LYS C 205 29.44 -9.93 -37.34
CA LYS C 205 30.16 -9.91 -38.62
C LYS C 205 29.21 -9.82 -39.83
N ARG C 206 28.02 -10.44 -39.72
CA ARG C 206 27.11 -10.60 -40.85
C ARG C 206 25.90 -9.70 -40.78
N LYS C 207 25.90 -8.80 -39.79
CA LYS C 207 24.78 -7.89 -39.58
C LYS C 207 23.42 -8.57 -39.48
N THR C 208 23.32 -9.66 -38.72
CA THR C 208 22.00 -10.26 -38.54
C THR C 208 21.60 -10.04 -37.08
N PRO C 209 20.30 -10.08 -36.78
CA PRO C 209 19.85 -9.63 -35.43
C PRO C 209 20.48 -10.39 -34.25
N LEU C 210 21.00 -9.62 -33.30
CA LEU C 210 21.48 -10.17 -32.05
C LEU C 210 20.32 -10.47 -31.10
N PRO C 211 20.56 -11.32 -30.09
CA PRO C 211 19.50 -11.51 -29.09
C PRO C 211 19.45 -10.37 -28.05
N LYS C 212 18.35 -10.27 -27.30
CA LYS C 212 18.27 -9.30 -26.21
C LYS C 212 19.23 -9.61 -25.09
N PHE C 213 19.48 -10.89 -24.87
CA PHE C 213 20.21 -11.30 -23.66
C PHE C 213 20.96 -12.62 -23.90
N GLN C 214 22.11 -12.77 -23.27
CA GLN C 214 22.93 -13.94 -23.46
C GLN C 214 23.49 -14.49 -22.14
N VAL C 215 23.40 -15.79 -21.95
CA VAL C 215 23.92 -16.39 -20.74
C VAL C 215 24.97 -17.41 -21.10
N LEU C 216 26.20 -17.20 -20.62
CA LEU C 216 27.26 -18.16 -20.82
C LEU C 216 27.60 -18.81 -19.48
N ILE C 217 27.54 -20.12 -19.44
CA ILE C 217 27.78 -20.92 -18.24
C ILE C 217 29.11 -21.64 -18.42
N TYR C 218 30.08 -21.39 -17.54
CA TYR C 218 31.48 -21.84 -17.68
C TYR C 218 31.87 -22.07 -19.16
N PRO C 219 31.78 -21.01 -19.97
CA PRO C 219 31.99 -21.12 -21.42
C PRO C 219 33.43 -21.36 -21.81
N ALA C 220 33.64 -21.95 -22.98
CA ALA C 220 34.98 -22.00 -23.56
C ALA C 220 35.11 -20.82 -24.52
N THR C 221 36.02 -19.90 -24.26
CA THR C 221 36.10 -18.71 -25.08
C THR C 221 37.43 -18.65 -25.83
N ASP C 222 38.42 -19.38 -25.34
CA ASP C 222 39.74 -19.34 -25.94
C ASP C 222 40.27 -20.76 -26.04
N LEU C 223 40.22 -21.31 -27.24
CA LEU C 223 40.65 -22.68 -27.47
C LEU C 223 42.17 -22.75 -27.69
N ALA C 224 42.76 -21.64 -28.11
CA ALA C 224 44.20 -21.59 -28.40
C ALA C 224 45.08 -21.52 -27.16
N CYS C 225 44.74 -20.68 -26.19
CA CYS C 225 45.60 -20.47 -25.02
C CYS C 225 45.18 -21.27 -23.77
N GLU C 226 46.18 -21.67 -22.99
CA GLU C 226 45.94 -22.27 -21.67
C GLU C 226 45.96 -21.19 -20.59
N SER C 227 44.89 -21.14 -19.80
CA SER C 227 44.73 -20.12 -18.77
C SER C 227 45.33 -20.57 -17.43
N ALA C 228 45.40 -19.64 -16.48
CA ALA C 228 45.92 -19.93 -15.14
C ALA C 228 45.20 -21.09 -14.47
N THR C 229 43.90 -21.21 -14.73
CA THR C 229 43.13 -22.23 -14.05
C THR C 229 43.38 -23.62 -14.64
N PHE C 230 43.96 -23.68 -15.85
CA PHE C 230 44.41 -24.95 -16.43
C PHE C 230 45.44 -25.57 -15.48
N LYS C 231 46.39 -24.74 -15.06
CA LYS C 231 47.46 -25.13 -14.14
C LYS C 231 46.93 -25.35 -12.73
N GLU C 232 46.05 -24.47 -12.27
CA GLU C 232 45.54 -24.60 -10.91
C GLU C 232 44.66 -25.82 -10.74
N PHE C 233 43.88 -26.16 -11.76
CA PHE C 233 43.03 -27.35 -11.65
C PHE C 233 43.24 -28.33 -12.81
N PRO C 234 44.45 -28.88 -12.94
CA PRO C 234 44.76 -29.74 -14.10
C PRO C 234 43.99 -31.05 -14.10
N ASN C 235 43.64 -31.51 -12.91
CA ASN C 235 43.01 -32.80 -12.73
C ASN C 235 41.73 -32.67 -11.92
N GLY C 236 41.59 -31.50 -11.27
CA GLY C 236 40.53 -31.19 -10.31
C GLY C 236 39.22 -31.74 -10.80
N PRO C 237 38.36 -32.17 -9.88
CA PRO C 237 37.23 -33.02 -10.27
C PRO C 237 36.32 -32.36 -11.31
N GLY C 238 35.51 -33.15 -12.02
CA GLY C 238 34.51 -32.60 -12.92
C GLY C 238 34.98 -32.31 -14.34
N LEU C 239 36.25 -31.95 -14.50
CA LEU C 239 36.82 -31.63 -15.81
C LEU C 239 38.33 -31.54 -15.70
N THR C 240 39.03 -32.30 -16.55
CA THR C 240 40.48 -32.34 -16.48
C THR C 240 41.10 -31.68 -17.71
N THR C 241 42.38 -31.33 -17.61
CA THR C 241 43.07 -30.77 -18.77
C THR C 241 43.22 -31.81 -19.85
N ASP C 242 43.26 -33.08 -19.46
CA ASP C 242 43.34 -34.17 -20.43
C ASP C 242 42.11 -34.17 -21.31
N GLU C 243 40.95 -33.97 -20.69
CA GLU C 243 39.70 -34.00 -21.43
C GLU C 243 39.57 -32.80 -22.38
N ILE C 244 40.10 -31.64 -21.95
CA ILE C 244 40.06 -30.44 -22.77
C ILE C 244 40.85 -30.65 -24.05
N ARG C 245 42.08 -31.14 -23.91
CA ARG C 245 42.94 -31.50 -25.03
C ARG C 245 42.30 -32.52 -25.96
N PHE C 246 41.64 -33.51 -25.39
CA PHE C 246 40.95 -34.51 -26.17
C PHE C 246 39.90 -33.84 -27.08
N ALA C 247 38.94 -33.14 -26.49
CA ALA C 247 37.86 -32.53 -27.27
C ALA C 247 38.39 -31.53 -28.30
N ALA C 248 39.40 -30.76 -27.91
CA ALA C 248 40.02 -29.80 -28.82
C ALA C 248 40.59 -30.48 -30.07
N SER C 249 41.23 -31.62 -29.89
CA SER C 249 41.86 -32.31 -31.02
C SER C 249 40.84 -32.86 -32.03
N LEU C 250 39.61 -33.13 -31.58
CA LEU C 250 38.56 -33.59 -32.47
C LEU C 250 37.83 -32.42 -33.11
N PHE C 251 37.53 -31.41 -32.29
CA PHE C 251 36.75 -30.25 -32.73
C PHE C 251 37.61 -29.32 -33.57
N THR C 252 38.86 -29.15 -33.15
CA THR C 252 39.78 -28.25 -33.83
C THR C 252 41.15 -28.91 -33.93
N PRO C 253 41.26 -29.98 -34.74
CA PRO C 253 42.52 -30.73 -34.90
C PRO C 253 43.67 -29.81 -35.34
N ASP C 254 43.40 -28.87 -36.21
CA ASP C 254 44.40 -27.90 -36.60
C ASP C 254 44.43 -26.77 -35.56
N PRO C 255 45.57 -26.63 -34.86
CA PRO C 255 45.78 -25.58 -33.86
C PRO C 255 45.49 -24.20 -34.41
N LYS C 256 45.87 -23.98 -35.67
CA LYS C 256 45.59 -22.71 -36.30
C LYS C 256 44.08 -22.36 -36.25
N SER C 257 43.20 -23.35 -36.38
CA SER C 257 41.75 -23.11 -36.30
C SER C 257 41.37 -22.47 -34.95
N ARG C 258 42.09 -22.87 -33.91
CA ARG C 258 41.80 -22.40 -32.57
C ARG C 258 42.07 -20.90 -32.42
N LEU C 259 42.87 -20.33 -33.31
CA LEU C 259 43.19 -18.91 -33.19
C LEU C 259 42.14 -18.03 -33.83
N GLU C 260 41.21 -18.62 -34.58
CA GLU C 260 40.20 -17.80 -35.26
C GLU C 260 39.17 -17.32 -34.24
N ASP C 261 38.72 -16.09 -34.39
CA ASP C 261 37.74 -15.53 -33.45
C ASP C 261 36.41 -16.33 -33.47
N VAL C 262 36.06 -16.89 -34.62
CA VAL C 262 34.83 -17.68 -34.71
C VAL C 262 34.97 -18.95 -33.87
N ALA C 263 36.15 -19.54 -33.85
CA ALA C 263 36.41 -20.66 -32.96
C ALA C 263 36.49 -20.20 -31.48
N SER C 264 37.16 -19.09 -31.28
CA SER C 264 37.42 -18.59 -29.93
C SER C 264 36.97 -17.14 -29.83
N PRO C 265 35.69 -16.91 -29.50
CA PRO C 265 35.23 -15.52 -29.56
C PRO C 265 35.93 -14.64 -28.53
N GLY C 266 36.59 -15.26 -27.55
CA GLY C 266 37.40 -14.52 -26.59
C GLY C 266 38.59 -13.82 -27.22
N ARG C 267 38.93 -14.17 -28.46
CA ARG C 267 40.00 -13.51 -29.19
C ARG C 267 39.47 -12.58 -30.27
N ALA C 268 38.18 -12.29 -30.27
CA ALA C 268 37.64 -11.36 -31.27
C ALA C 268 38.21 -9.96 -31.06
N SER C 269 37.91 -9.07 -32.00
CA SER C 269 38.39 -7.70 -31.90
C SER C 269 37.55 -6.88 -30.92
N ASP C 270 38.21 -5.91 -30.29
CA ASP C 270 37.53 -4.95 -29.43
C ASP C 270 36.35 -4.34 -30.17
N GLU C 271 36.50 -4.07 -31.46
CA GLU C 271 35.39 -3.49 -32.22
C GLU C 271 34.15 -4.41 -32.26
N ASP C 272 34.37 -5.69 -32.52
CA ASP C 272 33.28 -6.65 -32.57
C ASP C 272 32.69 -6.96 -31.19
N LEU C 273 33.57 -7.19 -30.19
CA LEU C 273 33.09 -7.60 -28.88
C LEU C 273 32.25 -6.52 -28.26
N ALA C 274 32.59 -5.26 -28.54
CA ALA C 274 31.85 -4.13 -27.99
C ALA C 274 30.41 -4.06 -28.47
N LYS C 275 30.06 -4.86 -29.48
CA LYS C 275 28.68 -4.91 -29.95
C LYS C 275 27.94 -6.12 -29.43
N PHE C 276 28.57 -6.86 -28.51
CA PHE C 276 27.91 -8.05 -27.93
C PHE C 276 26.65 -7.67 -27.19
N PRO C 277 25.67 -8.58 -27.21
CA PRO C 277 24.48 -8.32 -26.42
C PRO C 277 24.80 -8.42 -24.93
N GLU C 278 23.98 -7.77 -24.10
CA GLU C 278 24.12 -7.89 -22.66
C GLU C 278 24.31 -9.35 -22.27
N THR C 279 25.29 -9.61 -21.41
CA THR C 279 25.64 -10.98 -21.14
C THR C 279 25.73 -11.24 -19.64
N LEU C 280 25.29 -12.43 -19.26
CA LEU C 280 25.52 -12.93 -17.92
C LEU C 280 26.46 -14.11 -18.06
N ILE C 281 27.56 -14.09 -17.31
CA ILE C 281 28.51 -15.16 -17.32
C ILE C 281 28.57 -15.75 -15.92
N VAL C 282 28.33 -17.04 -15.83
CA VAL C 282 28.37 -17.75 -14.56
C VAL C 282 29.47 -18.80 -14.65
N VAL C 283 30.41 -18.80 -13.70
CA VAL C 283 31.45 -19.82 -13.67
C VAL C 283 31.51 -20.61 -12.36
N ALA C 284 32.01 -21.84 -12.45
CA ALA C 284 32.32 -22.65 -11.28
C ALA C 284 33.73 -22.33 -10.81
N GLU C 285 33.97 -22.46 -9.51
CA GLU C 285 35.22 -22.07 -8.89
C GLU C 285 36.34 -23.06 -9.21
N VAL C 286 36.04 -24.34 -9.02
CA VAL C 286 37.02 -25.40 -9.20
C VAL C 286 36.81 -26.01 -10.59
N ASP C 287 37.54 -25.47 -11.56
CA ASP C 287 37.30 -25.74 -12.97
C ASP C 287 38.48 -25.20 -13.75
N PRO C 288 39.13 -26.06 -14.55
CA PRO C 288 40.30 -25.65 -15.34
C PRO C 288 40.01 -24.47 -16.26
N ILE C 289 38.76 -24.30 -16.68
CA ILE C 289 38.47 -23.25 -17.64
C ILE C 289 37.78 -22.06 -17.02
N ARG C 290 37.71 -22.03 -15.69
CA ARG C 290 37.09 -20.91 -15.00
C ARG C 290 37.59 -19.59 -15.53
N GLN C 291 38.89 -19.54 -15.77
CA GLN C 291 39.58 -18.31 -16.11
C GLN C 291 39.06 -17.69 -17.41
N GLN C 292 38.57 -18.55 -18.31
CA GLN C 292 38.18 -18.11 -19.64
C GLN C 292 36.95 -17.23 -19.60
N GLY C 293 35.94 -17.69 -18.87
CA GLY C 293 34.68 -16.99 -18.79
C GLY C 293 34.84 -15.64 -18.08
N GLU C 294 35.72 -15.59 -17.09
CA GLU C 294 35.95 -14.35 -16.35
C GLU C 294 36.70 -13.35 -17.23
N ASP C 295 37.75 -13.81 -17.91
CA ASP C 295 38.48 -12.93 -18.81
C ASP C 295 37.54 -12.38 -19.87
N PHE C 296 36.67 -13.24 -20.39
CA PHE C 296 35.74 -12.80 -21.42
C PHE C 296 34.80 -11.74 -20.86
N GLY C 297 34.32 -11.98 -19.63
CA GLY C 297 33.46 -11.02 -18.96
C GLY C 297 34.12 -9.67 -18.78
N ARG C 298 35.34 -9.66 -18.25
CA ARG C 298 36.08 -8.41 -18.04
C ARG C 298 36.24 -7.63 -19.31
N ARG C 299 36.48 -8.34 -20.40
CA ARG C 299 36.66 -7.70 -21.69
C ARG C 299 35.35 -7.03 -22.12
N LEU C 300 34.23 -7.72 -21.93
CA LEU C 300 32.93 -7.14 -22.24
C LEU C 300 32.72 -5.85 -21.41
N GLN C 301 32.98 -5.95 -20.10
CA GLN C 301 32.83 -4.79 -19.22
C GLN C 301 33.75 -3.64 -19.65
N LYS C 302 35.04 -3.91 -19.74
CA LYS C 302 35.99 -2.98 -20.34
C LYS C 302 35.47 -2.30 -21.61
N LEU C 303 34.83 -3.07 -22.51
CA LEU C 303 34.35 -2.52 -23.78
C LEU C 303 32.98 -1.86 -23.71
N GLY C 304 32.39 -1.84 -22.51
CA GLY C 304 31.13 -1.13 -22.33
C GLY C 304 29.87 -1.89 -22.72
N VAL C 305 29.94 -3.21 -22.78
CA VAL C 305 28.67 -3.93 -22.89
C VAL C 305 28.26 -4.33 -21.48
N ARG C 306 26.96 -4.33 -21.22
CA ARG C 306 26.48 -4.76 -19.91
C ARG C 306 26.82 -6.22 -19.73
N ALA C 307 27.67 -6.51 -18.76
CA ALA C 307 28.07 -7.88 -18.51
C ALA C 307 28.12 -8.14 -17.01
N ALA C 308 27.36 -9.14 -16.56
CA ALA C 308 27.42 -9.59 -15.18
C ALA C 308 28.26 -10.87 -15.10
N ILE C 309 29.18 -10.91 -14.17
CA ILE C 309 30.03 -12.07 -14.00
C ILE C 309 29.95 -12.62 -12.58
N ILE C 310 29.64 -13.90 -12.44
CA ILE C 310 29.42 -14.50 -11.12
C ILE C 310 30.21 -15.80 -10.94
N ARG C 311 31.03 -15.85 -9.90
CA ARG C 311 31.75 -17.06 -9.56
C ARG C 311 31.07 -17.80 -8.40
N VAL C 312 30.74 -19.07 -8.61
CA VAL C 312 30.08 -19.87 -7.58
C VAL C 312 31.10 -20.73 -6.86
N LEU C 313 31.28 -20.50 -5.57
CA LEU C 313 32.31 -21.18 -4.79
C LEU C 313 31.90 -22.61 -4.39
N GLY C 314 32.90 -23.48 -4.26
CA GLY C 314 32.66 -24.83 -3.78
C GLY C 314 31.96 -25.77 -4.76
N THR C 315 31.96 -25.40 -6.04
CA THR C 315 31.35 -26.27 -7.04
C THR C 315 32.25 -26.36 -8.29
N ILE C 316 31.94 -27.32 -9.16
CA ILE C 316 32.84 -27.72 -10.22
C ILE C 316 32.19 -27.52 -11.58
N HIS C 317 32.96 -27.79 -12.63
CA HIS C 317 32.44 -27.75 -13.98
C HIS C 317 31.26 -28.71 -14.13
N GLY C 318 30.22 -28.29 -14.84
CA GLY C 318 29.10 -29.18 -15.07
C GLY C 318 27.91 -29.10 -14.13
N PHE C 319 27.95 -28.19 -13.15
CA PHE C 319 26.92 -28.17 -12.10
C PHE C 319 25.53 -27.76 -12.63
N ALA C 320 25.49 -27.08 -13.76
CA ALA C 320 24.21 -26.60 -14.27
C ALA C 320 23.41 -27.69 -15.00
N SER C 321 24.05 -28.76 -15.44
CA SER C 321 23.32 -29.79 -16.18
C SER C 321 23.40 -31.19 -15.59
N ILE C 322 24.40 -31.44 -14.75
CA ILE C 322 24.51 -32.73 -14.09
C ILE C 322 23.50 -32.83 -12.98
N ASP C 323 22.53 -33.74 -13.14
CA ASP C 323 21.35 -33.85 -12.27
C ASP C 323 21.68 -33.89 -10.78
N VAL C 324 22.69 -34.68 -10.41
CA VAL C 324 23.06 -34.76 -9.01
C VAL C 324 23.42 -33.40 -8.46
N LEU C 325 24.40 -32.77 -9.08
CA LEU C 325 24.91 -31.47 -8.64
C LEU C 325 23.86 -30.38 -8.62
N SER C 326 22.81 -30.53 -9.41
CA SER C 326 21.84 -29.46 -9.58
C SER C 326 21.16 -29.10 -8.27
N GLU C 327 21.21 -30.02 -7.31
CA GLU C 327 20.51 -29.80 -6.05
C GLU C 327 21.39 -29.14 -4.98
N ALA C 328 22.70 -29.08 -5.24
CA ALA C 328 23.62 -28.35 -4.37
C ALA C 328 23.20 -26.86 -4.33
N PRO C 329 23.39 -26.18 -3.18
CA PRO C 329 22.87 -24.82 -2.96
C PRO C 329 23.34 -23.79 -4.01
N GLY C 330 24.65 -23.69 -4.22
CA GLY C 330 25.22 -22.81 -5.21
C GLY C 330 24.62 -23.05 -6.59
N ALA C 331 24.64 -24.31 -7.01
CA ALA C 331 24.17 -24.68 -8.34
C ALA C 331 22.70 -24.34 -8.51
N LYS C 332 21.92 -24.75 -7.51
CA LYS C 332 20.48 -24.50 -7.52
C LYS C 332 20.19 -23.01 -7.64
N ALA C 333 20.93 -22.22 -6.86
CA ALA C 333 20.76 -20.78 -6.82
C ALA C 333 21.08 -20.14 -8.16
N THR C 334 22.13 -20.60 -8.81
CA THR C 334 22.53 -19.98 -10.07
C THR C 334 21.67 -20.44 -11.25
N ILE C 335 21.22 -21.69 -11.24
CA ILE C 335 20.27 -22.10 -12.27
C ILE C 335 19.00 -21.26 -12.15
N GLU C 336 18.58 -20.99 -10.92
CA GLU C 336 17.40 -20.17 -10.71
C GLU C 336 17.67 -18.75 -11.20
N LEU C 337 18.84 -18.23 -10.86
CA LEU C 337 19.21 -16.89 -11.29
C LEU C 337 19.16 -16.77 -12.81
N ILE C 338 19.75 -17.73 -13.50
CA ILE C 338 19.78 -17.75 -14.95
C ILE C 338 18.38 -17.73 -15.57
N GLY C 339 17.51 -18.58 -15.05
CA GLY C 339 16.16 -18.66 -15.57
C GLY C 339 15.39 -17.39 -15.30
N TYR C 340 15.66 -16.81 -14.13
CA TYR C 340 15.00 -15.59 -13.70
C TYR C 340 15.45 -14.39 -14.54
N LYS C 341 16.75 -14.37 -14.81
CA LYS C 341 17.32 -13.28 -15.57
C LYS C 341 16.77 -13.29 -17.00
N PHE C 342 16.57 -14.48 -17.57
CA PHE C 342 15.90 -14.58 -18.87
C PHE C 342 14.45 -14.06 -18.77
N LYS C 343 13.77 -14.35 -17.66
CA LYS C 343 12.41 -13.85 -17.47
C LYS C 343 12.40 -12.31 -17.48
N LYS C 344 13.29 -11.69 -16.70
CA LYS C 344 13.34 -10.25 -16.63
C LYS C 344 13.78 -9.64 -17.96
N ALA C 345 14.80 -10.23 -18.59
CA ALA C 345 15.36 -9.60 -19.79
C ALA C 345 14.49 -9.75 -21.04
N LEU C 346 13.63 -10.75 -21.10
CA LEU C 346 12.89 -11.01 -22.34
C LEU C 346 11.43 -10.59 -22.30
N HIS C 347 11.19 -9.29 -22.23
CA HIS C 347 9.87 -8.75 -22.57
C HIS C 347 9.98 -7.29 -22.95
N GLN D 34 -29.51 33.91 10.44
CA GLN D 34 -29.47 32.56 10.96
C GLN D 34 -29.56 31.52 9.85
N LEU D 35 -30.01 31.96 8.66
CA LEU D 35 -30.08 31.09 7.48
C LEU D 35 -28.92 31.30 6.50
N ASP D 36 -28.59 30.29 5.71
CA ASP D 36 -27.51 30.45 4.74
C ASP D 36 -28.00 31.33 3.57
N PRO D 37 -27.06 31.89 2.79
CA PRO D 37 -27.45 32.85 1.74
C PRO D 37 -28.52 32.33 0.77
N ILE D 38 -28.32 31.13 0.25
CA ILE D 38 -29.25 30.56 -0.72
C ILE D 38 -30.62 30.34 -0.07
N THR D 39 -30.64 29.90 1.19
CA THR D 39 -31.90 29.63 1.87
C THR D 39 -32.64 30.92 2.25
N GLN D 40 -31.90 31.93 2.68
CA GLN D 40 -32.51 33.20 3.05
C GLN D 40 -33.16 33.87 1.86
N ALA D 41 -32.54 33.73 0.70
CA ALA D 41 -33.07 34.31 -0.54
C ALA D 41 -34.41 33.69 -0.89
N TYR D 42 -34.46 32.36 -0.85
CA TYR D 42 -35.69 31.62 -1.07
C TYR D 42 -36.79 32.06 -0.12
N ALA D 43 -36.46 32.15 1.17
CA ALA D 43 -37.44 32.58 2.17
C ALA D 43 -38.02 33.95 1.80
N ASP D 44 -37.13 34.88 1.42
CA ASP D 44 -37.53 36.21 0.98
C ASP D 44 -38.47 36.11 -0.22
N ALA D 45 -38.05 35.33 -1.22
CA ALA D 45 -38.77 35.18 -2.48
C ALA D 45 -40.11 34.44 -2.37
N ILE D 46 -40.56 34.20 -1.15
CA ILE D 46 -41.74 33.38 -0.90
C ILE D 46 -42.53 34.02 0.24
N SER D 47 -41.94 35.07 0.80
CA SER D 47 -42.54 35.82 1.90
C SER D 47 -43.96 36.30 1.60
N SER D 48 -44.17 36.73 0.36
CA SER D 48 -45.43 37.28 -0.08
C SER D 48 -46.37 36.16 -0.56
N ARG D 49 -45.84 35.32 -1.44
CA ARG D 49 -46.56 34.24 -2.09
C ARG D 49 -47.45 33.44 -1.11
N PRO D 50 -48.73 33.22 -1.49
CA PRO D 50 -49.76 32.70 -0.59
C PRO D 50 -49.59 31.21 -0.37
N SER D 51 -49.88 30.73 0.84
CA SER D 51 -49.71 29.32 1.16
C SER D 51 -50.51 28.43 0.20
N LEU D 52 -49.89 27.33 -0.20
CA LEU D 52 -50.58 26.33 -1.02
C LEU D 52 -51.59 25.53 -0.22
N PHE D 53 -51.50 25.63 1.10
CA PHE D 53 -52.39 24.84 1.95
C PHE D 53 -53.60 25.67 2.38
N ALA D 54 -54.48 25.90 1.40
CA ALA D 54 -55.70 26.66 1.62
C ALA D 54 -56.67 26.41 0.47
N PHE D 55 -57.97 26.52 0.77
CA PHE D 55 -59.02 26.32 -0.22
C PHE D 55 -59.18 27.54 -1.12
N PRO D 56 -59.36 27.31 -2.42
CA PRO D 56 -59.48 25.99 -3.05
C PRO D 56 -58.14 25.27 -3.26
N LEU D 57 -58.17 23.95 -3.18
CA LEU D 57 -57.02 23.13 -3.53
C LEU D 57 -57.03 22.94 -5.03
N PRO D 58 -55.85 22.96 -5.67
CA PRO D 58 -55.80 22.82 -7.13
C PRO D 58 -56.21 21.42 -7.55
N GLU D 59 -56.58 21.25 -8.81
CA GLU D 59 -57.03 19.95 -9.27
C GLU D 59 -55.82 19.05 -9.46
N ILE D 60 -54.77 19.64 -10.00
CA ILE D 60 -53.47 18.96 -10.15
C ILE D 60 -52.68 19.10 -8.87
N ARG D 61 -52.18 18.01 -8.31
CA ARG D 61 -51.48 18.09 -7.02
C ARG D 61 -49.98 17.82 -7.13
N ASP D 62 -49.51 17.56 -8.34
CA ASP D 62 -48.13 17.23 -8.59
C ASP D 62 -47.66 17.88 -9.88
N GLY D 63 -46.48 18.50 -9.86
CA GLY D 63 -45.90 19.08 -11.06
C GLY D 63 -44.40 19.30 -10.94
N TYR D 64 -43.74 19.53 -12.07
CA TYR D 64 -42.31 19.81 -12.08
C TYR D 64 -42.00 21.20 -11.52
N GLN D 65 -41.01 21.29 -10.65
CA GLN D 65 -40.63 22.58 -10.07
C GLN D 65 -39.95 23.46 -11.09
N SER D 66 -39.46 22.85 -12.15
CA SER D 66 -38.70 23.56 -13.17
C SER D 66 -39.02 23.04 -14.56
N ASN D 67 -39.22 23.99 -15.48
CA ASN D 67 -39.55 23.71 -16.88
C ASN D 67 -38.50 22.95 -17.71
N VAL D 68 -37.51 22.35 -17.05
CA VAL D 68 -36.36 21.82 -17.78
C VAL D 68 -36.09 20.33 -17.49
N SER D 69 -36.10 19.52 -18.54
CA SER D 69 -35.92 18.06 -18.42
C SER D 69 -34.57 17.57 -18.96
N ASP D 70 -33.49 18.27 -18.60
CA ASP D 70 -32.16 18.00 -19.18
C ASP D 70 -31.25 17.03 -18.42
N PRO D 71 -31.32 16.99 -17.07
CA PRO D 71 -30.63 15.87 -16.40
C PRO D 71 -31.01 14.53 -17.05
N SER D 72 -29.97 13.75 -17.34
CA SER D 72 -29.97 12.81 -18.46
C SER D 72 -30.77 11.51 -18.35
N THR D 73 -30.26 10.56 -19.12
CA THR D 73 -30.68 9.17 -19.16
C THR D 73 -30.14 8.40 -17.96
N GLU D 74 -30.33 8.94 -16.75
CA GLU D 74 -29.73 8.34 -15.57
C GLU D 74 -30.47 7.08 -15.17
N PHE D 75 -31.78 7.04 -15.38
CA PHE D 75 -32.56 5.87 -14.99
C PHE D 75 -33.75 5.57 -15.90
N THR D 76 -34.11 4.30 -15.97
CA THR D 76 -35.36 3.91 -16.59
C THR D 76 -36.55 4.09 -15.64
N THR D 77 -37.74 4.13 -16.22
CA THR D 77 -38.98 4.28 -15.48
C THR D 77 -39.98 3.20 -15.88
N LYS D 78 -40.48 2.47 -14.90
CA LYS D 78 -41.57 1.55 -15.14
C LYS D 78 -42.74 1.93 -14.22
N ILE D 79 -43.88 2.25 -14.84
CA ILE D 79 -45.08 2.62 -14.10
C ILE D 79 -45.85 1.38 -13.70
N LEU D 80 -46.09 1.21 -12.40
CA LEU D 80 -46.72 0.02 -11.86
C LEU D 80 -48.12 0.29 -11.34
N SER D 81 -49.07 -0.54 -11.75
CA SER D 81 -50.40 -0.55 -11.16
C SER D 81 -50.56 -1.77 -10.29
N LEU D 82 -50.51 -1.57 -8.99
CA LEU D 82 -50.53 -2.67 -8.06
C LEU D 82 -51.94 -2.93 -7.57
N PRO D 83 -52.50 -4.11 -7.93
CA PRO D 83 -53.87 -4.48 -7.54
C PRO D 83 -53.93 -4.80 -6.06
N VAL D 84 -53.61 -3.84 -5.21
CA VAL D 84 -53.37 -4.16 -3.81
C VAL D 84 -53.86 -3.03 -2.94
N GLY D 85 -54.03 -3.31 -1.64
CA GLY D 85 -54.51 -2.31 -0.69
C GLY D 85 -56.01 -2.06 -0.73
N PRO D 86 -56.51 -1.28 0.24
CA PRO D 86 -57.95 -1.06 0.50
C PRO D 86 -58.71 -0.40 -0.64
N THR D 87 -58.03 0.36 -1.49
CA THR D 87 -58.70 1.07 -2.58
C THR D 87 -58.80 0.24 -3.86
N GLY D 88 -58.09 -0.88 -3.91
CA GLY D 88 -58.05 -1.70 -5.10
C GLY D 88 -56.79 -1.44 -5.92
N ASN D 89 -56.20 -0.27 -5.73
CA ASN D 89 -55.04 0.08 -6.52
C ASN D 89 -54.04 0.96 -5.79
N VAL D 90 -52.76 0.68 -6.00
CA VAL D 90 -51.70 1.58 -5.59
C VAL D 90 -50.82 1.82 -6.79
N THR D 91 -50.63 3.08 -7.18
CA THR D 91 -49.68 3.41 -8.23
C THR D 91 -48.26 3.56 -7.70
N ALA D 92 -47.31 2.91 -8.35
CA ALA D 92 -45.91 2.98 -7.96
C ALA D 92 -45.01 3.15 -9.17
N TYR D 93 -43.92 3.90 -8.99
CA TYR D 93 -42.96 4.12 -10.07
C TYR D 93 -41.65 3.44 -9.72
N LEU D 94 -41.23 2.49 -10.55
CA LEU D 94 -39.93 1.85 -10.34
C LEU D 94 -38.84 2.51 -11.21
N TYR D 95 -37.86 3.10 -10.54
CA TYR D 95 -36.76 3.81 -11.18
C TYR D 95 -35.48 3.00 -11.05
N LYS D 96 -34.88 2.63 -12.19
CA LYS D 96 -33.65 1.85 -12.16
C LYS D 96 -32.53 2.57 -12.91
N PRO D 97 -31.36 2.73 -12.28
CA PRO D 97 -30.26 3.37 -12.99
C PRO D 97 -29.76 2.50 -14.14
N VAL D 98 -29.55 3.12 -15.31
CA VAL D 98 -28.96 2.41 -16.46
C VAL D 98 -27.50 2.13 -16.18
N SER D 99 -27.06 0.92 -16.53
CA SER D 99 -25.70 0.47 -16.25
C SER D 99 -24.66 1.27 -17.04
N ASP D 107 -25.87 -8.42 -9.65
CA ASP D 107 -26.70 -8.07 -10.81
C ASP D 107 -28.14 -7.72 -10.39
N LEU D 108 -28.55 -8.12 -9.19
CA LEU D 108 -29.85 -7.73 -8.67
C LEU D 108 -29.72 -6.41 -7.93
N LEU D 109 -30.54 -5.42 -8.28
CA LEU D 109 -30.40 -4.08 -7.71
C LEU D 109 -30.98 -3.93 -6.30
N PRO D 110 -30.23 -3.23 -5.43
CA PRO D 110 -30.89 -2.80 -4.18
C PRO D 110 -32.03 -1.84 -4.53
N VAL D 111 -33.00 -1.68 -3.63
CA VAL D 111 -34.14 -0.84 -3.91
C VAL D 111 -34.56 -0.01 -2.68
N ILE D 112 -34.77 1.27 -2.90
CA ILE D 112 -35.30 2.14 -1.88
C ILE D 112 -36.78 2.39 -2.09
N ALA D 113 -37.62 1.92 -1.17
CA ALA D 113 -39.02 2.30 -1.15
C ALA D 113 -39.07 3.72 -0.62
N TYR D 114 -39.52 4.65 -1.45
CA TYR D 114 -39.58 6.03 -1.01
C TYR D 114 -41.00 6.51 -0.87
N PHE D 115 -41.28 7.20 0.23
CA PHE D 115 -42.60 7.76 0.50
C PHE D 115 -42.49 9.27 0.54
N HIS D 116 -43.07 9.96 -0.44
CA HIS D 116 -42.85 11.40 -0.56
C HIS D 116 -43.66 12.24 0.46
N GLY D 117 -43.16 13.46 0.69
CA GLY D 117 -43.83 14.42 1.56
C GLY D 117 -44.74 15.35 0.77
N GLY D 118 -45.14 16.44 1.42
CA GLY D 118 -46.10 17.37 0.85
C GLY D 118 -47.39 17.43 1.65
N GLY D 119 -47.27 17.18 2.96
CA GLY D 119 -48.38 17.31 3.90
C GLY D 119 -49.63 16.50 3.56
N TRP D 120 -49.42 15.35 2.93
CA TRP D 120 -50.46 14.42 2.49
C TRP D 120 -51.40 15.03 1.47
N VAL D 121 -51.30 16.34 1.22
CA VAL D 121 -52.16 16.98 0.24
C VAL D 121 -51.51 17.06 -1.13
N PHE D 122 -50.19 17.26 -1.15
CA PHE D 122 -49.45 17.49 -2.39
C PHE D 122 -48.34 16.49 -2.63
N GLY D 123 -47.77 16.52 -3.82
CA GLY D 123 -46.58 15.74 -4.12
C GLY D 123 -46.87 14.60 -5.05
N GLY D 124 -45.79 13.99 -5.54
CA GLY D 124 -45.86 12.90 -6.48
C GLY D 124 -44.54 12.82 -7.21
N PRO D 125 -44.47 11.99 -8.25
CA PRO D 125 -43.23 11.72 -9.00
C PRO D 125 -42.61 12.98 -9.62
N LYS D 126 -43.43 13.92 -10.10
CA LYS D 126 -42.89 15.11 -10.77
C LYS D 126 -42.25 16.06 -9.76
N SER D 127 -42.99 16.36 -8.70
CA SER D 127 -42.49 17.18 -7.59
C SER D 127 -41.16 16.70 -7.03
N TYR D 128 -41.00 15.39 -6.98
CA TYR D 128 -39.86 14.83 -6.31
C TYR D 128 -38.78 14.38 -7.31
N ARG D 129 -38.89 14.77 -8.57
CA ARG D 129 -37.90 14.32 -9.56
C ARG D 129 -36.47 14.66 -9.12
N GLY D 130 -36.28 15.85 -8.55
CA GLY D 130 -34.97 16.26 -8.07
C GLY D 130 -34.39 15.35 -7.00
N LEU D 131 -35.11 15.15 -5.91
CA LEU D 131 -34.64 14.29 -4.82
C LEU D 131 -34.43 12.85 -5.30
N ILE D 132 -35.30 12.38 -6.19
CA ILE D 132 -35.23 11.01 -6.67
C ILE D 132 -33.98 10.79 -7.52
N THR D 133 -33.73 11.73 -8.43
CA THR D 133 -32.55 11.73 -9.27
C THR D 133 -31.26 11.72 -8.44
N ASN D 134 -31.25 12.56 -7.40
CA ASN D 134 -30.14 12.57 -6.46
C ASN D 134 -29.96 11.21 -5.79
N LEU D 135 -31.05 10.64 -5.27
CA LEU D 135 -30.95 9.40 -4.52
C LEU D 135 -30.44 8.30 -5.42
N ILE D 136 -30.84 8.32 -6.68
CA ILE D 136 -30.39 7.29 -7.58
C ILE D 136 -28.91 7.45 -7.98
N ARG D 137 -28.47 8.68 -8.25
CA ARG D 137 -27.07 8.91 -8.60
C ARG D 137 -26.14 8.57 -7.41
N GLU D 138 -26.53 9.01 -6.21
CA GLU D 138 -25.72 8.82 -5.02
C GLU D 138 -25.69 7.38 -4.45
N SER D 139 -26.81 6.66 -4.52
CA SER D 139 -26.88 5.35 -3.88
C SER D 139 -26.61 4.19 -4.84
N GLY D 140 -26.80 4.42 -6.12
CA GLY D 140 -26.76 3.33 -7.08
C GLY D 140 -27.98 2.42 -6.99
N ALA D 141 -28.89 2.68 -6.06
CA ALA D 141 -30.09 1.85 -5.87
C ALA D 141 -31.26 2.20 -6.79
N ALA D 142 -32.13 1.22 -7.01
CA ALA D 142 -33.42 1.52 -7.60
C ALA D 142 -34.30 2.23 -6.58
N VAL D 143 -35.23 3.05 -7.08
CA VAL D 143 -36.21 3.65 -6.22
C VAL D 143 -37.62 3.14 -6.55
N PHE D 144 -38.28 2.59 -5.54
CA PHE D 144 -39.69 2.20 -5.62
C PHE D 144 -40.51 3.33 -5.00
N PHE D 145 -41.11 4.15 -5.86
CA PHE D 145 -41.74 5.39 -5.43
C PHE D 145 -43.26 5.20 -5.34
N VAL D 146 -43.81 5.24 -4.13
CA VAL D 146 -45.21 4.93 -3.97
C VAL D 146 -46.04 6.19 -4.12
N ASP D 147 -46.82 6.23 -5.19
CA ASP D 147 -47.62 7.41 -5.48
C ASP D 147 -49.01 7.26 -4.83
N TYR D 148 -49.03 7.28 -3.50
CA TYR D 148 -50.24 7.01 -2.75
C TYR D 148 -51.27 8.10 -3.01
N THR D 149 -52.53 7.79 -2.79
CA THR D 149 -53.60 8.75 -3.02
C THR D 149 -53.55 9.92 -2.04
N LEU D 150 -53.80 11.13 -2.53
CA LEU D 150 -53.66 12.32 -1.69
C LEU D 150 -54.96 12.68 -0.94
N THR D 151 -54.84 13.43 0.15
CA THR D 151 -56.01 13.86 0.91
C THR D 151 -56.60 15.16 0.35
N PRO D 152 -57.91 15.39 0.56
CA PRO D 152 -58.84 14.53 1.30
C PRO D 152 -59.58 13.50 0.43
N LYS D 153 -59.15 13.31 -0.81
CA LYS D 153 -59.73 12.25 -1.66
C LYS D 153 -59.76 10.91 -0.92
N VAL D 154 -58.71 10.65 -0.14
CA VAL D 154 -58.73 9.63 0.90
C VAL D 154 -58.22 10.30 2.16
N ALA D 155 -58.20 9.56 3.26
CA ALA D 155 -57.58 10.05 4.49
C ALA D 155 -57.00 8.88 5.28
N TYR D 156 -56.41 9.22 6.43
CA TYR D 156 -55.88 8.22 7.32
C TYR D 156 -56.92 7.13 7.58
N PRO D 157 -56.51 5.87 7.56
CA PRO D 157 -55.17 5.34 7.37
C PRO D 157 -54.90 4.81 5.96
N VAL D 158 -55.64 5.30 4.97
CA VAL D 158 -55.54 4.75 3.63
C VAL D 158 -54.15 4.91 2.99
N PRO D 159 -53.55 6.12 3.06
CA PRO D 159 -52.21 6.22 2.49
C PRO D 159 -51.24 5.27 3.19
N ASN D 160 -51.32 5.19 4.52
CA ASN D 160 -50.47 4.27 5.29
C ASN D 160 -50.65 2.85 4.81
N GLU D 161 -51.90 2.43 4.61
CA GLU D 161 -52.19 1.06 4.15
C GLU D 161 -51.82 0.83 2.69
N GLN D 162 -51.91 1.87 1.86
CA GLN D 162 -51.45 1.75 0.47
C GLN D 162 -49.94 1.54 0.42
N CYS D 163 -49.21 2.34 1.19
CA CYS D 163 -47.75 2.24 1.23
C CYS D 163 -47.35 0.87 1.76
N TYR D 164 -48.01 0.42 2.81
CA TYR D 164 -47.71 -0.87 3.40
C TYR D 164 -47.94 -1.99 2.39
N ALA D 165 -49.11 -1.98 1.74
CA ALA D 165 -49.43 -3.01 0.76
C ALA D 165 -48.47 -2.95 -0.43
N ALA D 166 -48.04 -1.75 -0.77
CA ALA D 166 -47.13 -1.57 -1.89
C ALA D 166 -45.81 -2.29 -1.57
N VAL D 167 -45.33 -2.12 -0.35
CA VAL D 167 -44.13 -2.85 0.08
C VAL D 167 -44.33 -4.37 0.04
N GLN D 168 -45.44 -4.88 0.57
CA GLN D 168 -45.69 -6.32 0.52
C GLN D 168 -45.63 -6.83 -0.92
N TRP D 169 -46.19 -6.06 -1.85
CA TRP D 169 -46.12 -6.42 -3.25
C TRP D 169 -44.68 -6.48 -3.75
N LEU D 170 -43.88 -5.48 -3.37
CA LEU D 170 -42.49 -5.42 -3.79
C LEU D 170 -41.71 -6.64 -3.31
N LEU D 171 -41.96 -7.05 -2.07
CA LEU D 171 -41.34 -8.24 -1.52
C LEU D 171 -41.60 -9.47 -2.39
N GLU D 172 -42.82 -9.61 -2.90
CA GLU D 172 -43.18 -10.81 -3.66
C GLU D 172 -42.72 -10.72 -5.13
N HIS D 173 -42.82 -9.54 -5.72
CA HIS D 173 -42.58 -9.41 -7.15
C HIS D 173 -41.30 -8.64 -7.54
N GLY D 174 -40.53 -8.18 -6.56
CA GLY D 174 -39.39 -7.32 -6.85
C GLY D 174 -38.31 -7.99 -7.66
N GLU D 175 -38.05 -9.27 -7.37
CA GLU D 175 -36.96 -9.99 -8.02
C GLU D 175 -37.16 -10.17 -9.53
N LYS D 176 -38.39 -10.42 -9.96
CA LYS D 176 -38.67 -10.55 -11.40
C LYS D 176 -38.43 -9.19 -12.08
N LEU D 177 -38.50 -8.11 -11.31
CA LEU D 177 -38.30 -6.77 -11.83
C LEU D 177 -36.84 -6.29 -11.83
N GLY D 178 -35.93 -7.14 -11.35
CA GLY D 178 -34.50 -6.84 -11.41
C GLY D 178 -33.98 -6.17 -10.15
N VAL D 179 -34.75 -6.35 -9.08
CA VAL D 179 -34.52 -5.64 -7.85
C VAL D 179 -34.44 -6.67 -6.71
N ASP D 180 -33.78 -6.34 -5.60
CA ASP D 180 -33.64 -7.30 -4.52
C ASP D 180 -34.37 -6.86 -3.24
N PRO D 181 -35.63 -7.30 -3.07
CA PRO D 181 -36.43 -6.89 -1.89
C PRO D 181 -35.80 -7.32 -0.56
N THR D 182 -34.80 -8.19 -0.61
CA THR D 182 -34.04 -8.60 0.56
C THR D 182 -33.03 -7.52 0.95
N ASN D 183 -32.75 -6.62 0.02
CA ASN D 183 -31.88 -5.49 0.28
C ASN D 183 -32.60 -4.15 0.11
N MET D 184 -33.60 -3.88 0.94
CA MET D 184 -34.37 -2.68 0.68
C MET D 184 -34.22 -1.65 1.77
N GLY D 185 -34.40 -0.40 1.35
CA GLY D 185 -34.40 0.70 2.30
C GLY D 185 -35.74 1.40 2.27
N PHE D 186 -36.00 2.16 3.32
CA PHE D 186 -37.12 3.09 3.37
C PHE D 186 -36.54 4.47 3.44
N GLY D 187 -37.16 5.39 2.73
CA GLY D 187 -36.91 6.79 2.95
C GLY D 187 -38.23 7.51 2.83
N GLY D 188 -38.31 8.64 3.52
CA GLY D 188 -39.46 9.52 3.38
C GLY D 188 -39.20 10.83 4.08
N ASP D 189 -39.77 11.90 3.53
CA ASP D 189 -39.64 13.24 4.09
C ASP D 189 -40.97 13.78 4.62
N ALA D 191 -44.39 14.18 5.82
CA ALA D 191 -45.53 13.28 5.74
C ALA D 191 -45.03 11.93 5.30
N GLY D 192 -44.10 11.96 4.35
CA GLY D 192 -43.45 10.74 3.90
C GLY D 192 -42.64 10.05 5.00
N GLY D 193 -42.14 10.84 5.96
CA GLY D 193 -41.46 10.26 7.10
C GLY D 193 -42.46 9.60 8.04
N GLU D 194 -43.63 10.21 8.18
CA GLU D 194 -44.75 9.59 8.90
C GLU D 194 -45.13 8.25 8.25
N LEU D 195 -45.26 8.25 6.93
CA LEU D 195 -45.66 7.05 6.24
C LEU D 195 -44.62 5.92 6.37
N SER D 196 -43.35 6.28 6.17
CA SER D 196 -42.26 5.34 6.30
C SER D 196 -42.19 4.70 7.69
N SER D 197 -42.24 5.51 8.74
CA SER D 197 -42.17 4.92 10.07
C SER D 197 -43.47 4.17 10.37
N SER D 198 -44.57 4.59 9.74
CA SER D 198 -45.83 3.86 9.90
C SER D 198 -45.72 2.49 9.26
N VAL D 199 -45.23 2.44 8.04
CA VAL D 199 -45.02 1.14 7.39
C VAL D 199 -44.09 0.24 8.22
N SER D 200 -43.08 0.84 8.85
CA SER D 200 -42.17 0.07 9.68
C SER D 200 -42.93 -0.43 10.89
N LEU D 201 -43.74 0.45 11.49
CA LEU D 201 -44.57 0.04 12.61
C LEU D 201 -45.52 -1.10 12.21
N LEU D 202 -46.20 -0.92 11.08
CA LEU D 202 -47.16 -1.91 10.61
C LEU D 202 -46.49 -3.25 10.35
N SER D 203 -45.28 -3.17 9.76
CA SER D 203 -44.44 -4.36 9.51
C SER D 203 -44.15 -5.17 10.77
N ILE D 204 -43.96 -4.46 11.88
CA ILE D 204 -43.64 -5.09 13.15
C ILE D 204 -44.89 -5.73 13.70
N LYS D 205 -46.02 -5.05 13.53
CA LYS D 205 -47.30 -5.57 14.00
C LYS D 205 -47.78 -6.84 13.26
N ARG D 206 -47.57 -6.88 11.96
CA ARG D 206 -48.10 -7.96 11.12
C ARG D 206 -46.99 -8.97 10.83
N LYS D 207 -45.84 -8.74 11.44
CA LYS D 207 -44.70 -9.65 11.32
C LYS D 207 -44.30 -9.90 9.86
N THR D 208 -44.14 -8.81 9.11
CA THR D 208 -43.67 -8.88 7.74
C THR D 208 -42.28 -8.21 7.65
N PRO D 209 -41.52 -8.49 6.58
CA PRO D 209 -40.10 -8.11 6.63
C PRO D 209 -39.81 -6.61 6.74
N LEU D 210 -38.97 -6.25 7.70
CA LEU D 210 -38.45 -4.89 7.81
C LEU D 210 -37.37 -4.62 6.78
N PRO D 211 -37.16 -3.36 6.42
CA PRO D 211 -36.02 -3.00 5.53
C PRO D 211 -34.68 -2.99 6.30
N LYS D 212 -33.55 -3.05 5.59
CA LYS D 212 -32.25 -3.00 6.24
C LYS D 212 -31.99 -1.64 6.84
N PHE D 213 -32.49 -0.60 6.19
CA PHE D 213 -32.11 0.75 6.55
C PHE D 213 -33.26 1.73 6.26
N GLN D 214 -33.44 2.70 7.15
CA GLN D 214 -34.52 3.67 6.99
C GLN D 214 -34.05 5.12 7.16
N VAL D 215 -34.43 5.99 6.24
CA VAL D 215 -34.03 7.38 6.40
C VAL D 215 -35.25 8.29 6.58
N LEU D 216 -35.27 9.04 7.68
CA LEU D 216 -36.39 9.93 7.95
C LEU D 216 -35.91 11.37 7.86
N ILE D 217 -36.43 12.09 6.88
CA ILE D 217 -36.06 13.47 6.65
C ILE D 217 -37.15 14.36 7.23
N TYR D 218 -36.79 15.22 8.18
CA TYR D 218 -37.73 16.03 8.98
C TYR D 218 -39.12 15.41 9.06
N PRO D 219 -39.20 14.19 9.62
CA PRO D 219 -40.45 13.46 9.56
C PRO D 219 -41.50 14.03 10.51
N ALA D 220 -42.76 13.74 10.27
CA ALA D 220 -43.78 13.98 11.27
C ALA D 220 -44.02 12.65 11.99
N THR D 221 -43.90 12.65 13.31
CA THR D 221 -43.92 11.40 14.04
C THR D 221 -45.03 11.39 15.10
N ASP D 222 -45.58 12.56 15.37
CA ASP D 222 -46.63 12.71 16.37
C ASP D 222 -47.60 13.81 15.95
N LEU D 223 -48.74 13.41 15.41
CA LEU D 223 -49.70 14.38 14.88
C LEU D 223 -50.60 14.97 15.98
N ALA D 224 -50.54 14.37 17.16
CA ALA D 224 -51.40 14.75 18.28
C ALA D 224 -50.87 15.91 19.14
N CYS D 225 -49.60 15.83 19.52
CA CYS D 225 -49.00 16.85 20.39
C CYS D 225 -48.28 17.93 19.58
N GLU D 226 -48.32 19.16 20.08
CA GLU D 226 -47.50 20.24 19.52
C GLU D 226 -46.19 20.40 20.31
N SER D 227 -45.09 20.18 19.62
CA SER D 227 -43.76 20.18 20.22
C SER D 227 -43.21 21.59 20.45
N ALA D 228 -42.16 21.66 21.26
CA ALA D 228 -41.50 22.94 21.59
C ALA D 228 -41.14 23.77 20.36
N THR D 229 -40.88 23.12 19.24
CA THR D 229 -40.47 23.87 18.05
C THR D 229 -41.69 24.42 17.30
N PHE D 230 -42.86 23.83 17.55
CA PHE D 230 -44.14 24.39 17.07
C PHE D 230 -44.23 25.84 17.53
N LYS D 231 -44.04 26.01 18.83
CA LYS D 231 -44.07 27.32 19.47
C LYS D 231 -42.92 28.21 18.99
N GLU D 232 -41.73 27.62 18.88
CA GLU D 232 -40.55 28.40 18.51
C GLU D 232 -40.54 28.91 17.07
N PHE D 233 -41.03 28.11 16.12
CA PHE D 233 -41.02 28.56 14.71
C PHE D 233 -42.42 28.62 14.05
N PRO D 234 -43.36 29.37 14.66
CA PRO D 234 -44.76 29.31 14.24
C PRO D 234 -45.01 29.72 12.79
N ASN D 235 -44.23 30.67 12.28
CA ASN D 235 -44.35 31.07 10.88
C ASN D 235 -43.07 30.85 10.14
N GLY D 236 -42.14 30.15 10.81
CA GLY D 236 -40.75 30.02 10.37
C GLY D 236 -40.77 29.72 8.90
N PRO D 237 -39.92 30.39 8.12
CA PRO D 237 -40.02 30.28 6.67
C PRO D 237 -39.98 28.81 6.23
N GLY D 238 -40.77 28.44 5.22
CA GLY D 238 -40.73 27.09 4.71
C GLY D 238 -41.84 26.16 5.19
N LEU D 239 -42.36 26.42 6.40
CA LEU D 239 -43.50 25.64 6.92
C LEU D 239 -44.14 26.35 8.11
N THR D 240 -45.45 26.64 8.02
CA THR D 240 -46.13 27.36 9.11
C THR D 240 -46.99 26.41 9.95
N THR D 241 -47.31 26.81 11.17
CA THR D 241 -48.15 25.99 12.02
C THR D 241 -49.59 26.00 11.49
N ASP D 242 -49.93 27.02 10.72
CA ASP D 242 -51.22 27.05 10.05
C ASP D 242 -51.28 25.93 9.00
N GLU D 243 -50.17 25.69 8.31
CA GLU D 243 -50.12 24.67 7.27
C GLU D 243 -50.24 23.27 7.85
N ILE D 244 -49.65 23.08 9.01
CA ILE D 244 -49.68 21.80 9.70
C ILE D 244 -51.11 21.47 10.10
N ARG D 245 -51.78 22.42 10.74
CA ARG D 245 -53.18 22.25 11.17
C ARG D 245 -54.10 21.96 10.00
N PHE D 246 -53.87 22.70 8.92
CA PHE D 246 -54.64 22.52 7.71
C PHE D 246 -54.49 21.11 7.18
N ALA D 247 -53.25 20.66 7.08
CA ALA D 247 -52.94 19.33 6.58
C ALA D 247 -53.57 18.27 7.47
N ALA D 248 -53.34 18.40 8.77
CA ALA D 248 -53.82 17.45 9.75
C ALA D 248 -55.33 17.27 9.69
N SER D 249 -56.04 18.35 9.40
CA SER D 249 -57.50 18.34 9.45
C SER D 249 -58.11 17.61 8.25
N LEU D 250 -57.37 17.52 7.14
CA LEU D 250 -57.79 16.70 6.01
C LEU D 250 -57.33 15.25 6.19
N PHE D 251 -56.10 15.06 6.63
CA PHE D 251 -55.56 13.71 6.77
C PHE D 251 -56.16 13.02 8.00
N THR D 252 -56.28 13.74 9.11
CA THR D 252 -56.84 13.15 10.32
C THR D 252 -57.94 14.05 10.91
N PRO D 253 -59.10 14.12 10.24
CA PRO D 253 -60.13 15.06 10.73
C PRO D 253 -60.59 14.76 12.16
N ASP D 254 -60.67 13.49 12.54
CA ASP D 254 -60.89 13.11 13.93
C ASP D 254 -59.57 13.13 14.74
N PRO D 255 -59.41 14.10 15.67
CA PRO D 255 -58.17 14.19 16.44
C PRO D 255 -57.85 12.92 17.21
N LYS D 256 -58.85 12.10 17.48
CA LYS D 256 -58.58 10.82 18.11
C LYS D 256 -57.66 9.96 17.22
N SER D 257 -57.72 10.17 15.91
CA SER D 257 -56.89 9.37 15.01
C SER D 257 -55.41 9.67 15.23
N ARG D 258 -55.12 10.90 15.64
CA ARG D 258 -53.74 11.34 15.77
C ARG D 258 -53.03 10.69 16.95
N LEU D 259 -53.81 10.05 17.82
CA LEU D 259 -53.26 9.41 18.99
C LEU D 259 -52.86 7.98 18.66
N GLU D 260 -53.29 7.49 17.51
CA GLU D 260 -53.02 6.11 17.14
C GLU D 260 -51.56 5.99 16.71
N ASP D 261 -50.91 4.91 17.14
CA ASP D 261 -49.51 4.73 16.82
C ASP D 261 -49.29 4.64 15.30
N VAL D 262 -50.23 4.02 14.58
CA VAL D 262 -50.09 3.91 13.14
C VAL D 262 -50.14 5.30 12.49
N ALA D 263 -50.91 6.21 13.06
CA ALA D 263 -50.90 7.59 12.58
C ALA D 263 -49.62 8.31 13.01
N SER D 264 -49.21 8.03 14.25
CA SER D 264 -48.10 8.71 14.89
C SER D 264 -47.12 7.69 15.48
N PRO D 265 -46.17 7.19 14.67
CA PRO D 265 -45.31 6.12 15.22
C PRO D 265 -44.48 6.60 16.41
N GLY D 266 -44.32 7.92 16.58
CA GLY D 266 -43.71 8.47 17.77
C GLY D 266 -44.38 8.03 19.07
N ARG D 267 -45.66 7.68 18.99
CA ARG D 267 -46.43 7.28 20.16
C ARG D 267 -46.53 5.76 20.29
N ALA D 268 -45.76 5.02 19.48
CA ALA D 268 -45.78 3.56 19.55
C ALA D 268 -45.24 3.07 20.88
N SER D 269 -45.44 1.79 21.19
CA SER D 269 -44.92 1.27 22.44
C SER D 269 -43.40 1.06 22.38
N ASP D 270 -42.75 1.08 23.56
CA ASP D 270 -41.35 0.69 23.70
C ASP D 270 -41.05 -0.62 22.99
N GLU D 271 -41.89 -1.62 23.22
CA GLU D 271 -41.71 -2.92 22.60
C GLU D 271 -41.67 -2.85 21.07
N ASP D 272 -42.53 -2.06 20.46
CA ASP D 272 -42.61 -2.04 19.00
C ASP D 272 -41.43 -1.28 18.41
N LEU D 273 -41.18 -0.08 18.94
CA LEU D 273 -40.08 0.76 18.47
C LEU D 273 -38.74 0.07 18.60
N ALA D 274 -38.52 -0.64 19.71
CA ALA D 274 -37.29 -1.39 19.94
C ALA D 274 -36.92 -2.26 18.74
N LYS D 275 -37.92 -2.65 17.95
CA LYS D 275 -37.68 -3.47 16.78
C LYS D 275 -37.54 -2.69 15.46
N PHE D 276 -37.52 -1.36 15.53
CA PHE D 276 -37.30 -0.56 14.32
C PHE D 276 -35.98 -0.90 13.64
N PRO D 277 -35.94 -0.79 12.29
CA PRO D 277 -34.68 -0.97 11.57
C PRO D 277 -33.72 0.19 11.86
N GLU D 278 -32.42 -0.03 11.66
CA GLU D 278 -31.44 1.04 11.78
C GLU D 278 -31.96 2.24 10.99
N THR D 279 -31.87 3.40 11.60
CA THR D 279 -32.51 4.57 11.05
C THR D 279 -31.59 5.75 11.09
N LEU D 280 -31.61 6.52 10.00
CA LEU D 280 -30.99 7.82 9.95
C LEU D 280 -32.09 8.88 9.91
N ILE D 281 -31.98 9.85 10.80
CA ILE D 281 -32.91 10.95 10.90
C ILE D 281 -32.13 12.22 10.66
N VAL D 282 -32.59 13.00 9.68
CA VAL D 282 -32.01 14.29 9.36
C VAL D 282 -33.08 15.36 9.56
N VAL D 283 -32.76 16.45 10.26
CA VAL D 283 -33.73 17.52 10.45
C VAL D 283 -33.18 18.89 10.02
N ALA D 284 -34.09 19.79 9.65
CA ALA D 284 -33.71 21.18 9.40
C ALA D 284 -33.80 21.98 10.70
N GLU D 285 -32.95 22.99 10.84
CA GLU D 285 -32.88 23.75 12.08
C GLU D 285 -34.10 24.64 12.23
N VAL D 286 -34.43 25.40 11.18
CA VAL D 286 -35.54 26.33 11.31
C VAL D 286 -36.81 25.70 10.71
N ASP D 287 -37.55 25.03 11.59
CA ASP D 287 -38.62 24.11 11.20
C ASP D 287 -39.50 23.84 12.42
N PRO D 288 -40.80 24.11 12.32
CA PRO D 288 -41.72 23.84 13.44
C PRO D 288 -41.71 22.37 13.85
N ILE D 289 -41.34 21.53 12.90
CA ILE D 289 -41.49 20.09 13.04
C ILE D 289 -40.20 19.42 13.50
N ARG D 290 -39.14 20.21 13.67
CA ARG D 290 -37.81 19.71 14.00
C ARG D 290 -37.80 18.80 15.23
N GLN D 291 -38.54 19.19 16.26
CA GLN D 291 -38.52 18.47 17.53
C GLN D 291 -39.02 17.04 17.38
N GLN D 292 -39.93 16.79 16.44
CA GLN D 292 -40.52 15.46 16.32
C GLN D 292 -39.46 14.44 15.98
N GLY D 293 -38.68 14.73 14.94
CA GLY D 293 -37.64 13.82 14.48
C GLY D 293 -36.53 13.63 15.50
N GLU D 294 -36.15 14.70 16.19
CA GLU D 294 -35.14 14.62 17.22
C GLU D 294 -35.65 13.78 18.40
N ASP D 295 -36.88 14.06 18.84
CA ASP D 295 -37.52 13.29 19.90
C ASP D 295 -37.60 11.82 19.53
N PHE D 296 -38.03 11.56 18.29
CA PHE D 296 -38.20 10.18 17.82
C PHE D 296 -36.85 9.46 17.76
N GLY D 297 -35.83 10.16 17.29
CA GLY D 297 -34.48 9.61 17.32
C GLY D 297 -34.00 9.25 18.72
N ARG D 298 -34.30 10.09 19.70
CA ARG D 298 -33.86 9.81 21.07
C ARG D 298 -34.52 8.56 21.66
N ARG D 299 -35.81 8.37 21.36
CA ARG D 299 -36.51 7.14 21.76
C ARG D 299 -35.81 5.91 21.21
N LEU D 300 -35.54 5.93 19.91
CA LEU D 300 -34.85 4.84 19.24
C LEU D 300 -33.49 4.52 19.89
N GLN D 301 -32.70 5.57 20.16
CA GLN D 301 -31.39 5.36 20.78
C GLN D 301 -31.57 4.73 22.16
N LYS D 302 -32.41 5.35 22.99
CA LYS D 302 -32.77 4.80 24.29
C LYS D 302 -33.24 3.34 24.26
N LEU D 303 -33.95 2.96 23.21
CA LEU D 303 -34.50 1.60 23.12
C LEU D 303 -33.54 0.64 22.46
N GLY D 304 -32.36 1.14 22.13
CA GLY D 304 -31.29 0.29 21.61
C GLY D 304 -31.31 0.05 20.13
N VAL D 305 -31.98 0.92 19.37
CA VAL D 305 -31.94 0.81 17.92
C VAL D 305 -30.78 1.65 17.39
N ARG D 306 -30.08 1.18 16.35
CA ARG D 306 -29.09 2.02 15.68
C ARG D 306 -29.80 3.23 15.07
N ALA D 307 -29.63 4.39 15.69
CA ALA D 307 -30.24 5.61 15.18
C ALA D 307 -29.25 6.79 15.18
N ALA D 308 -29.01 7.33 14.00
CA ALA D 308 -28.21 8.54 13.86
C ALA D 308 -29.14 9.75 13.67
N ILE D 309 -28.87 10.81 14.41
CA ILE D 309 -29.67 12.01 14.34
C ILE D 309 -28.76 13.19 14.02
N ILE D 310 -29.09 13.93 12.98
CA ILE D 310 -28.25 14.99 12.45
C ILE D 310 -29.09 16.23 12.18
N ARG D 311 -28.76 17.35 12.83
CA ARG D 311 -29.44 18.62 12.60
C ARG D 311 -28.65 19.58 11.70
N VAL D 312 -29.24 19.97 10.58
CA VAL D 312 -28.57 20.88 9.64
C VAL D 312 -28.92 22.35 9.90
N LEU D 313 -27.95 23.12 10.36
CA LEU D 313 -28.19 24.49 10.77
C LEU D 313 -28.32 25.43 9.57
N GLY D 314 -29.08 26.51 9.74
CA GLY D 314 -29.20 27.54 8.72
C GLY D 314 -30.05 27.18 7.50
N THR D 315 -30.83 26.11 7.62
CA THR D 315 -31.73 25.71 6.54
C THR D 315 -33.12 25.38 7.09
N ILE D 316 -34.08 25.21 6.19
CA ILE D 316 -35.49 25.12 6.57
C ILE D 316 -36.12 23.84 6.05
N HIS D 317 -37.37 23.63 6.47
CA HIS D 317 -38.17 22.50 6.05
C HIS D 317 -38.27 22.48 4.52
N GLY D 318 -38.11 21.30 3.94
CA GLY D 318 -38.22 21.17 2.49
C GLY D 318 -36.90 21.18 1.75
N PHE D 319 -35.78 21.33 2.45
CA PHE D 319 -34.52 21.53 1.74
C PHE D 319 -34.10 20.30 0.91
N ALA D 320 -34.64 19.13 1.24
CA ALA D 320 -34.23 17.91 0.56
C ALA D 320 -34.94 17.71 -0.78
N SER D 321 -36.08 18.35 -0.97
CA SER D 321 -36.80 18.15 -2.24
C SER D 321 -36.91 19.41 -3.09
N ILE D 322 -36.86 20.59 -2.46
CA ILE D 322 -36.96 21.85 -3.19
C ILE D 322 -35.69 22.14 -4.01
N ASP D 323 -35.86 22.23 -5.32
CA ASP D 323 -34.73 22.34 -6.25
C ASP D 323 -33.76 23.45 -5.83
N VAL D 324 -34.29 24.64 -5.61
CA VAL D 324 -33.49 25.80 -5.25
C VAL D 324 -32.69 25.64 -3.94
N LEU D 325 -33.34 25.12 -2.90
CA LEU D 325 -32.67 24.90 -1.62
C LEU D 325 -31.63 23.78 -1.65
N SER D 326 -31.46 23.15 -2.81
CA SER D 326 -30.72 21.89 -2.85
C SER D 326 -29.26 22.10 -3.20
N GLU D 327 -28.93 23.28 -3.69
CA GLU D 327 -27.55 23.60 -3.91
C GLU D 327 -26.94 24.32 -2.70
N ALA D 328 -27.76 24.57 -1.67
CA ALA D 328 -27.22 25.13 -0.44
C ALA D 328 -26.30 24.08 0.19
N PRO D 329 -25.21 24.53 0.85
CA PRO D 329 -24.16 23.62 1.34
C PRO D 329 -24.64 22.53 2.30
N GLY D 330 -25.36 22.90 3.36
CA GLY D 330 -25.90 21.92 4.29
C GLY D 330 -26.86 20.92 3.63
N ALA D 331 -27.78 21.47 2.86
CA ALA D 331 -28.75 20.67 2.16
C ALA D 331 -28.08 19.71 1.20
N LYS D 332 -27.17 20.23 0.39
CA LYS D 332 -26.45 19.39 -0.57
C LYS D 332 -25.65 18.30 0.13
N ALA D 333 -24.96 18.67 1.21
CA ALA D 333 -24.18 17.71 2.00
C ALA D 333 -25.04 16.58 2.52
N THR D 334 -26.17 16.91 3.12
CA THR D 334 -27.01 15.88 3.74
C THR D 334 -27.70 15.01 2.70
N ILE D 335 -28.10 15.61 1.58
CA ILE D 335 -28.71 14.82 0.53
C ILE D 335 -27.71 13.81 0.00
N GLU D 336 -26.43 14.18 -0.12
CA GLU D 336 -25.52 13.16 -0.60
C GLU D 336 -25.16 12.16 0.52
N LEU D 337 -25.19 12.61 1.78
CA LEU D 337 -25.01 11.67 2.89
C LEU D 337 -26.11 10.60 2.86
N ILE D 338 -27.37 11.04 2.69
CA ILE D 338 -28.49 10.10 2.62
C ILE D 338 -28.29 9.08 1.50
N GLY D 339 -27.98 9.56 0.31
CA GLY D 339 -27.73 8.66 -0.81
C GLY D 339 -26.59 7.69 -0.55
N TYR D 340 -25.54 8.22 0.06
CA TYR D 340 -24.32 7.46 0.36
C TYR D 340 -24.56 6.37 1.42
N LYS D 341 -25.28 6.76 2.48
CA LYS D 341 -25.63 5.84 3.56
C LYS D 341 -26.51 4.72 3.03
N PHE D 342 -27.41 5.00 2.09
CA PHE D 342 -28.17 3.93 1.47
C PHE D 342 -27.21 2.98 0.73
N LYS D 343 -26.23 3.53 0.00
CA LYS D 343 -25.26 2.70 -0.71
C LYS D 343 -24.53 1.78 0.24
N LYS D 344 -24.08 2.33 1.38
CA LYS D 344 -23.36 1.52 2.33
C LYS D 344 -24.25 0.50 3.00
N ALA D 345 -25.39 0.94 3.53
CA ALA D 345 -26.26 0.02 4.26
C ALA D 345 -26.81 -1.12 3.39
N LEU D 346 -26.99 -0.90 2.10
CA LEU D 346 -27.74 -1.88 1.29
C LEU D 346 -26.90 -2.80 0.42
N HIS D 347 -26.11 -3.66 1.05
CA HIS D 347 -25.63 -4.86 0.37
C HIS D 347 -25.23 -5.85 1.44
#